data_5HBW
# 
_entry.id   5HBW 
# 
_audit_conform.dict_name       mmcif_pdbx.dic 
_audit_conform.dict_version    5.379 
_audit_conform.dict_location   http://mmcif.pdb.org/dictionaries/ascii/mmcif_pdbx.dic 
# 
loop_
_database_2.database_id 
_database_2.database_code 
_database_2.pdbx_database_accession 
_database_2.pdbx_DOI 
PDB   5HBW         pdb_00005hbw 10.2210/pdb5hbw/pdb 
WWPDB D_1000216797 ?            ?                   
# 
_pdbx_database_status.status_code                     REL 
_pdbx_database_status.status_code_sf                  REL 
_pdbx_database_status.status_code_mr                  ? 
_pdbx_database_status.entry_id                        5HBW 
_pdbx_database_status.recvd_initial_deposition_date   2016-01-03 
_pdbx_database_status.SG_entry                        N 
_pdbx_database_status.deposit_site                    RCSB 
_pdbx_database_status.process_site                    RCSB 
_pdbx_database_status.status_code_cs                  ? 
_pdbx_database_status.methods_development_category    ? 
_pdbx_database_status.pdb_format_compatible           Y 
_pdbx_database_status.status_code_nmr_data            ? 
# 
loop_
_audit_author.name 
_audit_author.pdbx_ordinal 
'Zhang, W.'     1 
'Tam, C.P.'     2 
'Szostak, J.W.' 3 
# 
_citation.abstract                  ? 
_citation.abstract_id_CAS           ? 
_citation.book_id_ISBN              ? 
_citation.book_publisher            ? 
_citation.book_publisher_city       ? 
_citation.book_title                ? 
_citation.coordinate_linkage        ? 
_citation.country                   US 
_citation.database_id_Medline       ? 
_citation.details                   ? 
_citation.id                        primary 
_citation.journal_abbrev            'ACS Cent Sci' 
_citation.journal_id_ASTM           ? 
_citation.journal_id_CSD            ? 
_citation.journal_id_ISSN           2374-7943 
_citation.journal_full              ? 
_citation.journal_issue             ? 
_citation.journal_volume            2 
_citation.language                  ? 
_citation.page_first                916 
_citation.page_last                 926 
_citation.title                     'Unusual Base-Pairing Interactions in Monomer-Template Complexes.' 
_citation.year                      2016 
_citation.database_id_CSD           ? 
_citation.pdbx_database_id_DOI      10.1021/acscentsci.6b00278 
_citation.pdbx_database_id_PubMed   28058281 
_citation.unpublished_flag          ? 
# 
loop_
_citation_author.citation_id 
_citation_author.name 
_citation_author.ordinal 
_citation_author.identifier_ORCID 
primary 'Zhang, W.'     1 ? 
primary 'Tam, C.P.'     2 ? 
primary 'Wang, J.'      3 ? 
primary 'Szostak, J.W.' 4 ? 
# 
_cell.angle_alpha                  90.00 
_cell.angle_alpha_esd              ? 
_cell.angle_beta                   90.00 
_cell.angle_beta_esd               ? 
_cell.angle_gamma                  90.00 
_cell.angle_gamma_esd              ? 
_cell.entry_id                     5HBW 
_cell.details                      ? 
_cell.formula_units_Z              ? 
_cell.length_a                     28.076 
_cell.length_a_esd                 ? 
_cell.length_b                     39.747 
_cell.length_b_esd                 ? 
_cell.length_c                     42.593 
_cell.length_c_esd                 ? 
_cell.volume                       ? 
_cell.volume_esd                   ? 
_cell.Z_PDB                        8 
_cell.reciprocal_angle_alpha       ? 
_cell.reciprocal_angle_beta        ? 
_cell.reciprocal_angle_gamma       ? 
_cell.reciprocal_angle_alpha_esd   ? 
_cell.reciprocal_angle_beta_esd    ? 
_cell.reciprocal_angle_gamma_esd   ? 
_cell.reciprocal_length_a          ? 
_cell.reciprocal_length_b          ? 
_cell.reciprocal_length_c          ? 
_cell.reciprocal_length_a_esd      ? 
_cell.reciprocal_length_b_esd      ? 
_cell.reciprocal_length_c_esd      ? 
_cell.pdbx_unique_axis             ? 
# 
_symmetry.entry_id                         5HBW 
_symmetry.cell_setting                     ? 
_symmetry.Int_Tables_number                19 
_symmetry.space_group_name_Hall            ? 
_symmetry.space_group_name_H-M             'P 21 21 21' 
_symmetry.pdbx_full_space_group_name_H-M   ? 
# 
loop_
_entity.id 
_entity.type 
_entity.src_method 
_entity.pdbx_description 
_entity.formula_weight 
_entity.pdbx_number_of_molecules 
_entity.pdbx_ec 
_entity.pdbx_mutation 
_entity.pdbx_fragment 
_entity.details 
1 polymer     syn 
;RNA (5'-R(*(LCC)P*(TLN)P*(LCG)P*UP*AP*CP*A)-3')
;
2245.440 2 ? ? ? ? 
2 non-polymer syn 
;[(2~{R},3~{S},4~{R},5~{R})-5-(2-azanyl-6-oxidanylidene-1~{H}-purin-9-yl)-3,4-bis(oxidanyl)oxolan-2-yl]methoxy-(3-methyl-1~{H}-pyrazol-4-yl)phosphinic acid
;
427.309  2 ? ? ? ? 
3 water       nat water 18.015   3 ? ? ? ? 
# 
_entity_poly.entity_id                      1 
_entity_poly.type                           polyribonucleotide 
_entity_poly.nstd_linkage                   no 
_entity_poly.nstd_monomer                   yes 
_entity_poly.pdbx_seq_one_letter_code       '(LCC)(TLN)(LCG)UACA' 
_entity_poly.pdbx_seq_one_letter_code_can   NUGUACA 
_entity_poly.pdbx_strand_id                 A,B 
_entity_poly.pdbx_target_identifier         ? 
# 
loop_
_entity_poly_seq.entity_id 
_entity_poly_seq.num 
_entity_poly_seq.mon_id 
_entity_poly_seq.hetero 
1 1 LCC n 
1 2 TLN n 
1 3 LCG n 
1 4 U   n 
1 5 A   n 
1 6 C   n 
1 7 A   n 
# 
_pdbx_entity_src_syn.entity_id              1 
_pdbx_entity_src_syn.pdbx_src_id            1 
_pdbx_entity_src_syn.pdbx_alt_source_flag   sample 
_pdbx_entity_src_syn.pdbx_beg_seq_num       1 
_pdbx_entity_src_syn.pdbx_end_seq_num       7 
_pdbx_entity_src_syn.organism_scientific    'synthetic construct' 
_pdbx_entity_src_syn.organism_common_name   ? 
_pdbx_entity_src_syn.ncbi_taxonomy_id       32630 
_pdbx_entity_src_syn.details                ? 
# 
_struct_ref.id                         1 
_struct_ref.db_name                    PDB 
_struct_ref.db_code                    5HBW 
_struct_ref.pdbx_db_accession          5HBW 
_struct_ref.pdbx_db_isoform            ? 
_struct_ref.entity_id                  1 
_struct_ref.pdbx_seq_one_letter_code   ? 
_struct_ref.pdbx_align_begin           1 
# 
loop_
_struct_ref_seq.align_id 
_struct_ref_seq.ref_id 
_struct_ref_seq.pdbx_PDB_id_code 
_struct_ref_seq.pdbx_strand_id 
_struct_ref_seq.seq_align_beg 
_struct_ref_seq.pdbx_seq_align_beg_ins_code 
_struct_ref_seq.seq_align_end 
_struct_ref_seq.pdbx_seq_align_end_ins_code 
_struct_ref_seq.pdbx_db_accession 
_struct_ref_seq.db_align_beg 
_struct_ref_seq.pdbx_db_align_beg_ins_code 
_struct_ref_seq.db_align_end 
_struct_ref_seq.pdbx_db_align_end_ins_code 
_struct_ref_seq.pdbx_auth_seq_align_beg 
_struct_ref_seq.pdbx_auth_seq_align_end 
1 1 5HBW A 1 ? 7 ? 5HBW 1 ? 7 ? 1 7 
2 1 5HBW B 1 ? 7 ? 5HBW 1 ? 7 ? 1 7 
# 
loop_
_chem_comp.id 
_chem_comp.type 
_chem_comp.mon_nstd_flag 
_chem_comp.name 
_chem_comp.pdbx_synonyms 
_chem_comp.formula 
_chem_comp.formula_weight 
A   'RNA linking' y "ADENOSINE-5'-MONOPHOSPHATE" ? 'C10 H14 N5 O7 P' 347.221 
C   'RNA linking' y "CYTIDINE-5'-MONOPHOSPHATE" ? 'C9 H14 N3 O8 P'  323.197 
HOH non-polymer   . WATER ? 'H2 O'            18.015  
LCC 'RNA linking' . 
'[(1R,3R,4R,7S)-7-HYDROXY-3-(5-METHYLCYTOSIN-1-YL)-2,5-DIOXABICYCLO[2.2.1]HEPT-1-YL]METHYL DIHYDROGEN PHOSPHATE' ? 
'C11 H16 N3 O8 P' 349.234 
LCG 'RNA linking' n '[(1R,3R,4R,7S)-7-HYDROXY-3-(GUANIN-9-YL)-2,5-DIOXABICYCLO[2.2.1]HEPT-1-YL]METHYL DIHYDROGEN PHOSPHATE' ? 
'C11 H14 N5 O8 P' 375.231 
PZG 'DNA linking' n 
;[(2~{R},3~{S},4~{R},5~{R})-5-(2-azanyl-6-oxidanylidene-1~{H}-purin-9-yl)-3,4-bis(oxidanyl)oxolan-2-yl]methoxy-(3-methyl-1~{H}-pyrazol-4-yl)phosphinic acid
;
? 'C14 H18 N7 O7 P' 427.309 
TLN 'RNA linking' n '[(1R,3R,4R,7S)-7-HYDROXY-3-(THYMIN-1-YL)-2,5-DIOXABICYCLO[2.2.1]HEPT-1-YL]METHYL DIHYDROGEN PHOSPHATE' ? 
'C11 H15 N2 O9 P' 350.219 
U   'RNA linking' y "URIDINE-5'-MONOPHOSPHATE" ? 'C9 H13 N2 O9 P'  324.181 
# 
_exptl.absorpt_coefficient_mu     ? 
_exptl.absorpt_correction_T_max   ? 
_exptl.absorpt_correction_T_min   ? 
_exptl.absorpt_correction_type    ? 
_exptl.absorpt_process_details    ? 
_exptl.entry_id                   5HBW 
_exptl.crystals_number            ? 
_exptl.details                    ? 
_exptl.method                     'X-RAY DIFFRACTION' 
_exptl.method_details             ? 
# 
_exptl_crystal.colour                      ? 
_exptl_crystal.density_diffrn              ? 
_exptl_crystal.density_Matthews            2.65 
_exptl_crystal.density_method              ? 
_exptl_crystal.density_percent_sol         53.51 
_exptl_crystal.description                 needle 
_exptl_crystal.F_000                       ? 
_exptl_crystal.id                          1 
_exptl_crystal.preparation                 ? 
_exptl_crystal.size_max                    ? 
_exptl_crystal.size_mid                    ? 
_exptl_crystal.size_min                    ? 
_exptl_crystal.size_rad                    ? 
_exptl_crystal.colour_lustre               ? 
_exptl_crystal.colour_modifier             ? 
_exptl_crystal.colour_primary              ? 
_exptl_crystal.density_meas                ? 
_exptl_crystal.density_meas_esd            ? 
_exptl_crystal.density_meas_gt             ? 
_exptl_crystal.density_meas_lt             ? 
_exptl_crystal.density_meas_temp           ? 
_exptl_crystal.density_meas_temp_esd       ? 
_exptl_crystal.density_meas_temp_gt        ? 
_exptl_crystal.density_meas_temp_lt        ? 
_exptl_crystal.pdbx_crystal_image_url      ? 
_exptl_crystal.pdbx_crystal_image_format   ? 
_exptl_crystal.pdbx_mosaicity              ? 
_exptl_crystal.pdbx_mosaicity_esd          ? 
# 
_exptl_crystal_grow.apparatus       ? 
_exptl_crystal_grow.atmosphere      ? 
_exptl_crystal_grow.crystal_id      1 
_exptl_crystal_grow.details         ? 
_exptl_crystal_grow.method          'VAPOR DIFFUSION, HANGING DROP' 
_exptl_crystal_grow.method_ref      ? 
_exptl_crystal_grow.pH              7.0 
_exptl_crystal_grow.pressure        ? 
_exptl_crystal_grow.pressure_esd    ? 
_exptl_crystal_grow.seeding         ? 
_exptl_crystal_grow.seeding_ref     ? 
_exptl_crystal_grow.temp            292 
_exptl_crystal_grow.temp_details    ? 
_exptl_crystal_grow.temp_esd        ? 
_exptl_crystal_grow.time            ? 
_exptl_crystal_grow.pdbx_details    
;(+/-)-2-Methyl-2,4-pentanediol, Sodium cacodylate trihydrate, Spermine tetrahydrochloride, Sodium chloride, Potassium chloride, Magnesium chloride hexahydrate
;
_exptl_crystal_grow.pdbx_pH_range   ? 
# 
_diffrn.ambient_environment    ? 
_diffrn.ambient_temp           100 
_diffrn.ambient_temp_details   ? 
_diffrn.ambient_temp_esd       ? 
_diffrn.crystal_id             1 
_diffrn.crystal_support        ? 
_diffrn.crystal_treatment      ? 
_diffrn.details                ? 
_diffrn.id                     1 
_diffrn.ambient_pressure       ? 
_diffrn.ambient_pressure_esd   ? 
_diffrn.ambient_pressure_gt    ? 
_diffrn.ambient_pressure_lt    ? 
_diffrn.ambient_temp_gt        ? 
_diffrn.ambient_temp_lt        ? 
# 
_diffrn_detector.details                      ? 
_diffrn_detector.detector                     CCD 
_diffrn_detector.diffrn_id                    1 
_diffrn_detector.type                         'MAR CCD 165 mm' 
_diffrn_detector.area_resol_mean              ? 
_diffrn_detector.dtime                        ? 
_diffrn_detector.pdbx_frames_total            ? 
_diffrn_detector.pdbx_collection_time_total   ? 
_diffrn_detector.pdbx_collection_date         2015-10-18 
# 
_diffrn_radiation.collimation                      ? 
_diffrn_radiation.diffrn_id                        1 
_diffrn_radiation.filter_edge                      ? 
_diffrn_radiation.inhomogeneity                    ? 
_diffrn_radiation.monochromator                    none 
_diffrn_radiation.polarisn_norm                    ? 
_diffrn_radiation.polarisn_ratio                   ? 
_diffrn_radiation.probe                            ? 
_diffrn_radiation.type                             ? 
_diffrn_radiation.xray_symbol                      ? 
_diffrn_radiation.wavelength_id                    1 
_diffrn_radiation.pdbx_monochromatic_or_laue_m_l   M 
_diffrn_radiation.pdbx_wavelength_list             ? 
_diffrn_radiation.pdbx_wavelength                  ? 
_diffrn_radiation.pdbx_diffrn_protocol             'SINGLE WAVELENGTH' 
_diffrn_radiation.pdbx_analyzer                    ? 
_diffrn_radiation.pdbx_scattering_type             x-ray 
# 
_diffrn_radiation_wavelength.id           1 
_diffrn_radiation_wavelength.wavelength   0.987 
_diffrn_radiation_wavelength.wt           1.0 
# 
_diffrn_source.current                     ? 
_diffrn_source.details                     ? 
_diffrn_source.diffrn_id                   1 
_diffrn_source.power                       ? 
_diffrn_source.size                        ? 
_diffrn_source.source                      SYNCHROTRON 
_diffrn_source.target                      ? 
_diffrn_source.type                        'ALS BEAMLINE 8.2.1' 
_diffrn_source.voltage                     ? 
_diffrn_source.take-off_angle              ? 
_diffrn_source.pdbx_wavelength_list        0.987 
_diffrn_source.pdbx_wavelength             ? 
_diffrn_source.pdbx_synchrotron_beamline   8.2.1 
_diffrn_source.pdbx_synchrotron_site       ALS 
# 
_reflns.B_iso_Wilson_estimate            ? 
_reflns.entry_id                         5HBW 
_reflns.data_reduction_details           ? 
_reflns.data_reduction_method            ? 
_reflns.d_resolution_high                1.9 
_reflns.d_resolution_low                 50 
_reflns.details                          ? 
_reflns.limit_h_max                      ? 
_reflns.limit_h_min                      ? 
_reflns.limit_k_max                      ? 
_reflns.limit_k_min                      ? 
_reflns.limit_l_max                      ? 
_reflns.limit_l_min                      ? 
_reflns.number_all                       4036 
_reflns.number_obs                       4036 
_reflns.observed_criterion               ? 
_reflns.observed_criterion_F_max         ? 
_reflns.observed_criterion_F_min         ? 
_reflns.observed_criterion_I_max         ? 
_reflns.observed_criterion_I_min         ? 
_reflns.observed_criterion_sigma_F       0.05 
_reflns.observed_criterion_sigma_I       0.05 
_reflns.percent_possible_obs             99.7 
_reflns.R_free_details                   ? 
_reflns.Rmerge_F_all                     ? 
_reflns.Rmerge_F_obs                     ? 
_reflns.Friedel_coverage                 ? 
_reflns.number_gt                        ? 
_reflns.threshold_expression             ? 
_reflns.pdbx_redundancy                  6.1 
_reflns.pdbx_Rmerge_I_obs                0.053 
_reflns.pdbx_Rmerge_I_all                ? 
_reflns.pdbx_Rsym_value                  ? 
_reflns.pdbx_netI_over_av_sigmaI         24.8 
_reflns.pdbx_netI_over_sigmaI            24.8 
_reflns.pdbx_res_netI_over_av_sigmaI_2   ? 
_reflns.pdbx_res_netI_over_sigmaI_2      ? 
_reflns.pdbx_chi_squared                 ? 
_reflns.pdbx_scaling_rejects             ? 
_reflns.pdbx_d_res_high_opt              ? 
_reflns.pdbx_d_res_low_opt               ? 
_reflns.pdbx_d_res_opt_method            ? 
_reflns.phase_calculation_details        ? 
_reflns.pdbx_Rrim_I_all                  ? 
_reflns.pdbx_Rpim_I_all                  ? 
_reflns.pdbx_d_opt                       ? 
_reflns.pdbx_number_measured_all         ? 
_reflns.pdbx_diffrn_id                   1 
_reflns.pdbx_ordinal                     1 
_reflns.pdbx_CC_half                     ? 
_reflns.pdbx_R_split                     ? 
# 
_reflns_shell.d_res_high                  1.9 
_reflns_shell.d_res_low                   1.97 
_reflns_shell.meanI_over_sigI_all         ? 
_reflns_shell.meanI_over_sigI_obs         3.3 
_reflns_shell.number_measured_all         ? 
_reflns_shell.number_measured_obs         ? 
_reflns_shell.number_possible             ? 
_reflns_shell.number_unique_all           ? 
_reflns_shell.number_unique_obs           ? 
_reflns_shell.percent_possible_all        99 
_reflns_shell.percent_possible_obs        ? 
_reflns_shell.Rmerge_F_all                ? 
_reflns_shell.Rmerge_F_obs                ? 
_reflns_shell.Rmerge_I_all                ? 
_reflns_shell.Rmerge_I_obs                0.507 
_reflns_shell.meanI_over_sigI_gt          ? 
_reflns_shell.meanI_over_uI_all           ? 
_reflns_shell.meanI_over_uI_gt            ? 
_reflns_shell.number_measured_gt          ? 
_reflns_shell.number_unique_gt            ? 
_reflns_shell.percent_possible_gt         ? 
_reflns_shell.Rmerge_F_gt                 ? 
_reflns_shell.Rmerge_I_gt                 ? 
_reflns_shell.pdbx_redundancy             5.9 
_reflns_shell.pdbx_Rsym_value             ? 
_reflns_shell.pdbx_chi_squared            ? 
_reflns_shell.pdbx_netI_over_sigmaI_all   ? 
_reflns_shell.pdbx_netI_over_sigmaI_obs   ? 
_reflns_shell.pdbx_Rrim_I_all             ? 
_reflns_shell.pdbx_Rpim_I_all             ? 
_reflns_shell.pdbx_rejects                ? 
_reflns_shell.pdbx_ordinal                1 
_reflns_shell.pdbx_diffrn_id              1 
_reflns_shell.pdbx_CC_half                ? 
_reflns_shell.pdbx_R_split                ? 
# 
_refine.aniso_B[1][1]                            0.01 
_refine.aniso_B[1][2]                            -0.00 
_refine.aniso_B[1][3]                            0.00 
_refine.aniso_B[2][2]                            0.03 
_refine.aniso_B[2][3]                            -0.00 
_refine.aniso_B[3][3]                            -0.05 
_refine.B_iso_max                                ? 
_refine.B_iso_mean                               33.770 
_refine.B_iso_min                                ? 
_refine.correlation_coeff_Fo_to_Fc               0.965 
_refine.correlation_coeff_Fo_to_Fc_free          0.960 
_refine.details                                  'HYDROGENS HAVE BEEN ADDED IN THE RIDING POSITIONS' 
_refine.diff_density_max                         ? 
_refine.diff_density_max_esd                     ? 
_refine.diff_density_min                         ? 
_refine.diff_density_min_esd                     ? 
_refine.diff_density_rms                         ? 
_refine.diff_density_rms_esd                     ? 
_refine.entry_id                                 5HBW 
_refine.pdbx_refine_id                           'X-RAY DIFFRACTION' 
_refine.ls_abs_structure_details                 ? 
_refine.ls_abs_structure_Flack                   ? 
_refine.ls_abs_structure_Flack_esd               ? 
_refine.ls_abs_structure_Rogers                  ? 
_refine.ls_abs_structure_Rogers_esd              ? 
_refine.ls_d_res_high                            1.90 
_refine.ls_d_res_low                             23.44 
_refine.ls_extinction_coef                       ? 
_refine.ls_extinction_coef_esd                   ? 
_refine.ls_extinction_expression                 ? 
_refine.ls_extinction_method                     ? 
_refine.ls_goodness_of_fit_all                   ? 
_refine.ls_goodness_of_fit_all_esd               ? 
_refine.ls_goodness_of_fit_obs                   ? 
_refine.ls_goodness_of_fit_obs_esd               ? 
_refine.ls_hydrogen_treatment                    ? 
_refine.ls_matrix_type                           ? 
_refine.ls_number_constraints                    ? 
_refine.ls_number_parameters                     ? 
_refine.ls_number_reflns_all                     ? 
_refine.ls_number_reflns_obs                     3841 
_refine.ls_number_reflns_R_free                  195 
_refine.ls_number_reflns_R_work                  ? 
_refine.ls_number_restraints                     ? 
_refine.ls_percent_reflns_obs                    99.56 
_refine.ls_percent_reflns_R_free                 4.8 
_refine.ls_R_factor_all                          ? 
_refine.ls_R_factor_obs                          0.21857 
_refine.ls_R_factor_R_free                       0.25416 
_refine.ls_R_factor_R_free_error                 ? 
_refine.ls_R_factor_R_free_error_details         ? 
_refine.ls_R_factor_R_work                       0.21696 
_refine.ls_R_Fsqd_factor_obs                     ? 
_refine.ls_R_I_factor_obs                        ? 
_refine.ls_redundancy_reflns_all                 ? 
_refine.ls_redundancy_reflns_obs                 ? 
_refine.ls_restrained_S_all                      ? 
_refine.ls_restrained_S_obs                      ? 
_refine.ls_shift_over_esd_max                    ? 
_refine.ls_shift_over_esd_mean                   ? 
_refine.ls_structure_factor_coef                 ? 
_refine.ls_weighting_details                     ? 
_refine.ls_weighting_scheme                      ? 
_refine.ls_wR_factor_all                         ? 
_refine.ls_wR_factor_obs                         ? 
_refine.ls_wR_factor_R_free                      ? 
_refine.ls_wR_factor_R_work                      ? 
_refine.occupancy_max                            ? 
_refine.occupancy_min                            ? 
_refine.solvent_model_details                    MASK 
_refine.solvent_model_param_bsol                 ? 
_refine.solvent_model_param_ksol                 ? 
_refine.ls_R_factor_gt                           ? 
_refine.ls_goodness_of_fit_gt                    ? 
_refine.ls_goodness_of_fit_ref                   ? 
_refine.ls_shift_over_su_max                     ? 
_refine.ls_shift_over_su_max_lt                  ? 
_refine.ls_shift_over_su_mean                    ? 
_refine.ls_shift_over_su_mean_lt                 ? 
_refine.pdbx_ls_sigma_I                          ? 
_refine.pdbx_ls_sigma_F                          ? 
_refine.pdbx_ls_sigma_Fsqd                       ? 
_refine.pdbx_data_cutoff_high_absF               ? 
_refine.pdbx_data_cutoff_high_rms_absF           ? 
_refine.pdbx_data_cutoff_low_absF                ? 
_refine.pdbx_isotropic_thermal_model             ? 
_refine.pdbx_ls_cross_valid_method               THROUGHOUT 
_refine.pdbx_method_to_determine_struct          'MOLECULAR REPLACEMENT' 
_refine.pdbx_starting_model                      1DNS 
_refine.pdbx_stereochemistry_target_values       'MAXIMUM LIKELIHOOD' 
_refine.pdbx_R_Free_selection_details            RANDOM 
_refine.pdbx_stereochem_target_val_spec_case     ? 
_refine.pdbx_overall_ESU_R                       0.162 
_refine.pdbx_overall_ESU_R_Free                  0.150 
_refine.pdbx_solvent_vdw_probe_radii             1.20 
_refine.pdbx_solvent_ion_probe_radii             0.80 
_refine.pdbx_solvent_shrinkage_radii             0.80 
_refine.pdbx_real_space_R                        ? 
_refine.pdbx_density_correlation                 ? 
_refine.pdbx_pd_number_of_powder_patterns        ? 
_refine.pdbx_pd_number_of_points                 ? 
_refine.pdbx_pd_meas_number_of_points            ? 
_refine.pdbx_pd_proc_ls_prof_R_factor            ? 
_refine.pdbx_pd_proc_ls_prof_wR_factor           ? 
_refine.pdbx_pd_Marquardt_correlation_coeff      ? 
_refine.pdbx_pd_Fsqrd_R_factor                   ? 
_refine.pdbx_pd_ls_matrix_band_width             ? 
_refine.pdbx_overall_phase_error                 ? 
_refine.pdbx_overall_SU_R_free_Cruickshank_DPI   ? 
_refine.pdbx_overall_SU_R_free_Blow_DPI          ? 
_refine.pdbx_overall_SU_R_Blow_DPI               ? 
_refine.pdbx_TLS_residual_ADP_flag               ? 
_refine.pdbx_diffrn_id                           1 
_refine.overall_SU_B                             3.969 
_refine.overall_SU_ML                            0.104 
_refine.overall_SU_R_Cruickshank_DPI             ? 
_refine.overall_SU_R_free                        ? 
_refine.overall_FOM_free_R_set                   ? 
_refine.overall_FOM_work_R_set                   ? 
_refine.pdbx_average_fsc_overall                 ? 
_refine.pdbx_average_fsc_work                    ? 
_refine.pdbx_average_fsc_free                    ? 
# 
_refine_hist.pdbx_refine_id                   'X-RAY DIFFRACTION' 
_refine_hist.cycle_id                         1 
_refine_hist.pdbx_number_atoms_protein        0 
_refine_hist.pdbx_number_atoms_nucleic_acid   298 
_refine_hist.pdbx_number_atoms_ligand         58 
_refine_hist.number_atoms_solvent             3 
_refine_hist.number_atoms_total               359 
_refine_hist.d_res_high                       1.90 
_refine_hist.d_res_low                        23.44 
# 
loop_
_refine_ls_restr.pdbx_refine_id 
_refine_ls_restr.criterion 
_refine_ls_restr.dev_ideal 
_refine_ls_restr.dev_ideal_target 
_refine_ls_restr.number 
_refine_ls_restr.rejects 
_refine_ls_restr.type 
_refine_ls_restr.weight 
_refine_ls_restr.pdbx_restraint_function 
'X-RAY DIFFRACTION' ? 0.037 0.019  394 ? r_bond_refined_d             ? ? 
'X-RAY DIFFRACTION' ? 0.038 0.025  184 ? r_bond_other_d               ? ? 
'X-RAY DIFFRACTION' ? 3.485 2.234  606 ? r_angle_refined_deg          ? ? 
'X-RAY DIFFRACTION' ? 4.588 3.336  440 ? r_angle_other_deg            ? ? 
'X-RAY DIFFRACTION' ? ?     ?      ?   ? r_dihedral_angle_1_deg       ? ? 
'X-RAY DIFFRACTION' ? ?     ?      ?   ? r_dihedral_angle_2_deg       ? ? 
'X-RAY DIFFRACTION' ? ?     ?      ?   ? r_dihedral_angle_3_deg       ? ? 
'X-RAY DIFFRACTION' ? ?     ?      ?   ? r_dihedral_angle_4_deg       ? ? 
'X-RAY DIFFRACTION' ? 0.166 0.200  70  ? r_chiral_restr               ? ? 
'X-RAY DIFFRACTION' ? 0.020 0.021  206 ? r_gen_planes_refined         ? ? 
'X-RAY DIFFRACTION' ? 0.003 0.022  72  ? r_gen_planes_other           ? ? 
'X-RAY DIFFRACTION' ? ?     ?      ?   ? r_nbd_refined                ? ? 
'X-RAY DIFFRACTION' ? ?     ?      ?   ? r_nbd_other                  ? ? 
'X-RAY DIFFRACTION' ? ?     ?      ?   ? r_nbtor_refined              ? ? 
'X-RAY DIFFRACTION' ? ?     ?      ?   ? r_nbtor_other                ? ? 
'X-RAY DIFFRACTION' ? ?     ?      ?   ? r_xyhbond_nbd_refined        ? ? 
'X-RAY DIFFRACTION' ? ?     ?      ?   ? r_xyhbond_nbd_other          ? ? 
'X-RAY DIFFRACTION' ? ?     ?      ?   ? r_metal_ion_refined          ? ? 
'X-RAY DIFFRACTION' ? ?     ?      ?   ? r_metal_ion_other            ? ? 
'X-RAY DIFFRACTION' ? ?     ?      ?   ? r_symmetry_vdw_refined       ? ? 
'X-RAY DIFFRACTION' ? ?     ?      ?   ? r_symmetry_vdw_other         ? ? 
'X-RAY DIFFRACTION' ? ?     ?      ?   ? r_symmetry_hbond_refined     ? ? 
'X-RAY DIFFRACTION' ? ?     ?      ?   ? r_symmetry_hbond_other       ? ? 
'X-RAY DIFFRACTION' ? ?     ?      ?   ? r_symmetry_metal_ion_refined ? ? 
'X-RAY DIFFRACTION' ? ?     ?      ?   ? r_symmetry_metal_ion_other   ? ? 
'X-RAY DIFFRACTION' ? ?     ?      ?   ? r_mcbond_it                  ? ? 
'X-RAY DIFFRACTION' ? ?     ?      ?   ? r_mcbond_other               ? ? 
'X-RAY DIFFRACTION' ? ?     ?      ?   ? r_mcangle_it                 ? ? 
'X-RAY DIFFRACTION' ? ?     ?      ?   ? r_mcangle_other              ? ? 
'X-RAY DIFFRACTION' ? 3.580 3.547  394 ? r_scbond_it                  ? ? 
'X-RAY DIFFRACTION' ? 3.575 3.554  395 ? r_scbond_other               ? ? 
'X-RAY DIFFRACTION' ? ?     ?      ?   ? r_scangle_it                 ? ? 
'X-RAY DIFFRACTION' ? 4.877 5.333  607 ? r_scangle_other              ? ? 
'X-RAY DIFFRACTION' ? 5.501 33.694 572 ? r_long_range_B_refined       ? ? 
'X-RAY DIFFRACTION' ? 5.496 33.760 573 ? r_long_range_B_other         ? ? 
'X-RAY DIFFRACTION' ? ?     ?      ?   ? r_rigid_bond_restr           ? ? 
'X-RAY DIFFRACTION' ? ?     ?      ?   ? r_sphericity_free            ? ? 
'X-RAY DIFFRACTION' ? ?     ?      ?   ? r_sphericity_bonded          ? ? 
# 
_refine_ls_shell.pdbx_refine_id                   'X-RAY DIFFRACTION' 
_refine_ls_shell.d_res_high                       1.898 
_refine_ls_shell.d_res_low                        1.947 
_refine_ls_shell.number_reflns_all                ? 
_refine_ls_shell.number_reflns_obs                ? 
_refine_ls_shell.number_reflns_R_free             20 
_refine_ls_shell.number_reflns_R_work             250 
_refine_ls_shell.percent_reflns_obs               96.43 
_refine_ls_shell.percent_reflns_R_free            ? 
_refine_ls_shell.R_factor_all                     ? 
_refine_ls_shell.R_factor_obs                     ? 
_refine_ls_shell.R_factor_R_free                  0.307 
_refine_ls_shell.R_factor_R_free_error            ? 
_refine_ls_shell.R_factor_R_work                  0.291 
_refine_ls_shell.redundancy_reflns_all            ? 
_refine_ls_shell.redundancy_reflns_obs            ? 
_refine_ls_shell.wR_factor_all                    ? 
_refine_ls_shell.wR_factor_obs                    ? 
_refine_ls_shell.wR_factor_R_free                 ? 
_refine_ls_shell.wR_factor_R_work                 ? 
_refine_ls_shell.pdbx_total_number_of_bins_used   20 
_refine_ls_shell.pdbx_phase_error                 ? 
_refine_ls_shell.pdbx_fsc_work                    ? 
_refine_ls_shell.pdbx_fsc_free                    ? 
# 
_struct.entry_id                     5HBW 
_struct.title                        'RNA primer-template complex with 2-methylimidazole-activated monomer analogue' 
_struct.pdbx_model_details           ? 
_struct.pdbx_formula_weight          ? 
_struct.pdbx_formula_weight_method   ? 
_struct.pdbx_model_type_details      ? 
_struct.pdbx_CASP_flag               ? 
# 
_struct_keywords.entry_id        5HBW 
_struct_keywords.text            RNA 
_struct_keywords.pdbx_keywords   RNA 
# 
loop_
_struct_asym.id 
_struct_asym.pdbx_blank_PDB_chainid_flag 
_struct_asym.pdbx_modified 
_struct_asym.entity_id 
_struct_asym.details 
A N N 1 ? 
B N N 1 ? 
C N N 2 ? 
D N N 2 ? 
E N N 3 ? 
F N N 3 ? 
# 
loop_
_struct_conn.id 
_struct_conn.conn_type_id 
_struct_conn.pdbx_leaving_atom_flag 
_struct_conn.pdbx_PDB_id 
_struct_conn.ptnr1_label_asym_id 
_struct_conn.ptnr1_label_comp_id 
_struct_conn.ptnr1_label_seq_id 
_struct_conn.ptnr1_label_atom_id 
_struct_conn.pdbx_ptnr1_label_alt_id 
_struct_conn.pdbx_ptnr1_PDB_ins_code 
_struct_conn.pdbx_ptnr1_standard_comp_id 
_struct_conn.ptnr1_symmetry 
_struct_conn.ptnr2_label_asym_id 
_struct_conn.ptnr2_label_comp_id 
_struct_conn.ptnr2_label_seq_id 
_struct_conn.ptnr2_label_atom_id 
_struct_conn.pdbx_ptnr2_label_alt_id 
_struct_conn.pdbx_ptnr2_PDB_ins_code 
_struct_conn.ptnr1_auth_asym_id 
_struct_conn.ptnr1_auth_comp_id 
_struct_conn.ptnr1_auth_seq_id 
_struct_conn.ptnr2_auth_asym_id 
_struct_conn.ptnr2_auth_comp_id 
_struct_conn.ptnr2_auth_seq_id 
_struct_conn.ptnr2_symmetry 
_struct_conn.pdbx_ptnr3_label_atom_id 
_struct_conn.pdbx_ptnr3_label_seq_id 
_struct_conn.pdbx_ptnr3_label_comp_id 
_struct_conn.pdbx_ptnr3_label_asym_id 
_struct_conn.pdbx_ptnr3_label_alt_id 
_struct_conn.pdbx_ptnr3_PDB_ins_code 
_struct_conn.details 
_struct_conn.pdbx_dist_value 
_struct_conn.pdbx_value_order 
_struct_conn.pdbx_role 
covale1  covale both ? A LCC 1 "O3'" ? ? ? 1_555 A TLN 2 P  ? ? A LCC 1 A TLN 2 1_555 ? ? ? ? ? ? ?            1.643 ? ? 
covale2  covale both ? A TLN 2 "O3'" ? ? ? 1_555 A LCG 3 P  ? ? A TLN 2 A LCG 3 1_555 ? ? ? ? ? ? ?            1.681 ? ? 
covale3  covale both ? A LCG 3 "O3'" ? ? ? 1_555 A U   4 P  ? ? A LCG 3 A U   4 1_555 ? ? ? ? ? ? ?            1.653 ? ? 
covale4  covale both ? B LCC 1 "O3'" ? ? ? 1_555 B TLN 2 P  ? ? B LCC 1 B TLN 2 1_555 ? ? ? ? ? ? ?            1.604 ? ? 
covale5  covale both ? B TLN 2 "O3'" ? ? ? 1_555 B LCG 3 P  ? ? B TLN 2 B LCG 3 1_555 ? ? ? ? ? ? ?            1.631 ? ? 
covale6  covale both ? B LCG 3 "O3'" ? ? ? 1_555 B U   4 P  ? ? B LCG 3 B U   4 1_555 ? ? ? ? ? ? ?            1.580 ? ? 
hydrog1  hydrog ?    ? A TLN 2 N3    ? ? ? 1_555 B A   7 N1 ? ? A TLN 2 B A   7 1_555 ? ? ? ? ? ? WATSON-CRICK ?     ? ? 
hydrog2  hydrog ?    ? A TLN 2 O4    ? ? ? 1_555 B A   7 N6 ? ? A TLN 2 B A   7 1_555 ? ? ? ? ? ? WATSON-CRICK ?     ? ? 
hydrog3  hydrog ?    ? A LCG 3 N1    ? ? ? 1_555 B C   6 N3 ? ? A LCG 3 B C   6 1_555 ? ? ? ? ? ? WATSON-CRICK ?     ? ? 
hydrog4  hydrog ?    ? A LCG 3 N2    ? ? ? 1_555 B C   6 O2 ? ? A LCG 3 B C   6 1_555 ? ? ? ? ? ? WATSON-CRICK ?     ? ? 
hydrog5  hydrog ?    ? A LCG 3 O6    ? ? ? 1_555 B C   6 N4 ? ? A LCG 3 B C   6 1_555 ? ? ? ? ? ? WATSON-CRICK ?     ? ? 
hydrog6  hydrog ?    ? A U   4 N3    ? ? ? 1_555 B A   5 N1 ? ? A U   4 B A   5 1_555 ? ? ? ? ? ? WATSON-CRICK ?     ? ? 
hydrog7  hydrog ?    ? A U   4 O4    ? ? ? 1_555 B A   5 N6 ? ? A U   4 B A   5 1_555 ? ? ? ? ? ? WATSON-CRICK ?     ? ? 
hydrog8  hydrog ?    ? A A   5 N1    ? ? ? 1_555 B U   4 N3 ? ? A A   5 B U   4 1_555 ? ? ? ? ? ? WATSON-CRICK ?     ? ? 
hydrog9  hydrog ?    ? A A   5 N6    ? ? ? 1_555 B U   4 O4 ? ? A A   5 B U   4 1_555 ? ? ? ? ? ? WATSON-CRICK ?     ? ? 
hydrog10 hydrog ?    ? A C   6 N3    ? ? ? 1_555 B LCG 3 N1 ? ? A C   6 B LCG 3 1_555 ? ? ? ? ? ? WATSON-CRICK ?     ? ? 
hydrog11 hydrog ?    ? A C   6 N4    ? ? ? 1_555 B LCG 3 O6 ? ? A C   6 B LCG 3 1_555 ? ? ? ? ? ? WATSON-CRICK ?     ? ? 
hydrog12 hydrog ?    ? A C   6 O2    ? ? ? 1_555 B LCG 3 N2 ? ? A C   6 B LCG 3 1_555 ? ? ? ? ? ? WATSON-CRICK ?     ? ? 
hydrog13 hydrog ?    ? A A   7 N1    ? ? ? 1_555 B TLN 2 N3 ? ? A A   7 B TLN 2 1_555 ? ? ? ? ? ? WATSON-CRICK ?     ? ? 
hydrog14 hydrog ?    ? A A   7 N6    ? ? ? 1_555 B TLN 2 O4 ? ? A A   7 B TLN 2 1_555 ? ? ? ? ? ? WATSON-CRICK ?     ? ? 
# 
loop_
_struct_conn_type.id 
_struct_conn_type.criteria 
_struct_conn_type.reference 
covale ? ? 
hydrog ? ? 
# 
loop_
_struct_site.id 
_struct_site.pdbx_evidence_code 
_struct_site.pdbx_auth_asym_id 
_struct_site.pdbx_auth_comp_id 
_struct_site.pdbx_auth_seq_id 
_struct_site.pdbx_auth_ins_code 
_struct_site.pdbx_num_residues 
_struct_site.details 
AC1 Software A PZG 101 ? 8 'binding site for residue PZG A 101' 
AC2 Software B PZG 101 ? 8 'binding site for residue PZG B 101' 
# 
loop_
_struct_site_gen.id 
_struct_site_gen.site_id 
_struct_site_gen.pdbx_num_res 
_struct_site_gen.label_comp_id 
_struct_site_gen.label_asym_id 
_struct_site_gen.label_seq_id 
_struct_site_gen.pdbx_auth_ins_code 
_struct_site_gen.auth_comp_id 
_struct_site_gen.auth_asym_id 
_struct_site_gen.auth_seq_id 
_struct_site_gen.label_atom_id 
_struct_site_gen.label_alt_id 
_struct_site_gen.symmetry 
_struct_site_gen.details 
1  AC1 8 LCC A 1 ? LCC A 1 . ? 1_555 ? 
2  AC1 8 TLN A 2 ? TLN A 2 . ? 1_555 ? 
3  AC1 8 U   A 4 ? U   A 4 . ? 3_555 ? 
4  AC1 8 A   A 5 ? A   A 5 . ? 3_555 ? 
5  AC1 8 C   A 6 ? C   A 6 . ? 3_555 ? 
6  AC1 8 A   A 7 ? A   A 7 . ? 2_555 ? 
7  AC1 8 LCC B 1 ? LCC B 1 . ? 3_655 ? 
8  AC1 8 A   B 7 ? A   B 7 . ? 1_555 ? 
9  AC2 8 LCC A 1 ? LCC A 1 . ? 3_645 ? 
10 AC2 8 TLN A 2 ? TLN A 2 . ? 3_645 ? 
11 AC2 8 C   A 6 ? C   A 6 . ? 4_545 ? 
12 AC2 8 A   A 7 ? A   A 7 . ? 1_555 ? 
13 AC2 8 A   A 7 ? A   A 7 . ? 4_545 ? 
14 AC2 8 LCC B 1 ? LCC B 1 . ? 1_555 ? 
15 AC2 8 TLN B 2 ? TLN B 2 . ? 4_445 ? 
16 AC2 8 TLN B 2 ? TLN B 2 . ? 1_555 ? 
# 
_atom_sites.entry_id                    5HBW 
_atom_sites.fract_transf_matrix[1][1]   0.03202336 
_atom_sites.fract_transf_matrix[1][2]   0.00785374 
_atom_sites.fract_transf_matrix[1][3]   -0.01347090 
_atom_sites.fract_transf_matrix[2][1]   0.00182903 
_atom_sites.fract_transf_matrix[2][2]   -0.02332494 
_atom_sites.fract_transf_matrix[2][3]   -0.00925078 
_atom_sites.fract_transf_matrix[3][1]   -0.01013569 
_atom_sites.fract_transf_matrix[3][2]   0.00711593 
_atom_sites.fract_transf_matrix[3][3]   -0.01994612 
_atom_sites.fract_transf_vector[1]      0.271942 
_atom_sites.fract_transf_vector[2]      0.006841 
_atom_sites.fract_transf_vector[3]      0.150251 
# 
loop_
_atom_type.symbol 
C 
N 
O 
P 
# 
loop_
_atom_site.group_PDB 
_atom_site.id 
_atom_site.type_symbol 
_atom_site.label_atom_id 
_atom_site.label_alt_id 
_atom_site.label_comp_id 
_atom_site.label_asym_id 
_atom_site.label_entity_id 
_atom_site.label_seq_id 
_atom_site.pdbx_PDB_ins_code 
_atom_site.Cartn_x 
_atom_site.Cartn_y 
_atom_site.Cartn_z 
_atom_site.occupancy 
_atom_site.B_iso_or_equiv 
_atom_site.pdbx_formal_charge 
_atom_site.auth_seq_id 
_atom_site.auth_comp_id 
_atom_site.auth_asym_id 
_atom_site.auth_atom_id 
_atom_site.pdbx_PDB_model_num 
HETATM 1   O "O5'" . LCC A 1 1 ? 4.864  -0.938  -14.743 1.00 32.40 ? 1   LCC A "O5'" 1 
HETATM 2   C "C5'" . LCC A 1 1 ? 3.944  -0.588  -15.755 1.00 29.95 ? 1   LCC A "C5'" 1 
HETATM 3   C "C4'" . LCC A 1 1 ? 2.720  -1.184  -15.174 1.00 30.22 ? 1   LCC A "C4'" 1 
HETATM 4   O "O4'" . LCC A 1 1 ? 2.852  -2.606  -14.860 1.00 28.62 ? 1   LCC A "O4'" 1 
HETATM 5   C "C1'" . LCC A 1 1 ? 1.728  -2.930  -14.042 1.00 27.74 ? 1   LCC A "C1'" 1 
HETATM 6   N N1    . LCC A 1 1 ? 2.080  -3.565  -12.815 1.00 29.66 ? 1   LCC A N1    1 
HETATM 7   C C6    . LCC A 1 1 ? 3.410  -3.593  -12.480 1.00 30.92 ? 1   LCC A C6    1 
HETATM 8   C C5    . LCC A 1 1 ? 3.797  -4.230  -11.370 1.00 32.40 ? 1   LCC A C5    1 
HETATM 9   C C5M   . LCC A 1 1 ? 5.185  -4.239  -11.070 1.00 37.74 ? 1   LCC A C5M   1 
HETATM 10  C C4    . LCC A 1 1 ? 2.806  -4.873  -10.620 1.00 33.12 ? 1   LCC A C4    1 
HETATM 11  N N4    . LCC A 1 1 ? 3.219  -5.511  -9.516  1.00 31.11 ? 1   LCC A N4    1 
HETATM 12  N N3    . LCC A 1 1 ? 1.491  -4.856  -10.982 1.00 30.62 ? 1   LCC A N3    1 
HETATM 13  C C2    . LCC A 1 1 ? 1.155  -4.201  -12.064 1.00 29.58 ? 1   LCC A C2    1 
HETATM 14  O O2    . LCC A 1 1 ? -0.018 -4.181  -12.358 1.00 28.42 ? 1   LCC A O2    1 
HETATM 15  C "C3'" . LCC A 1 1 ? 2.316  -0.734  -13.836 1.00 29.94 ? 1   LCC A "C3'" 1 
HETATM 16  C "C2'" . LCC A 1 1 ? 1.075  -1.644  -13.877 1.00 29.57 ? 1   LCC A "C2'" 1 
HETATM 17  O "O2'" . LCC A 1 1 ? 0.474  -1.312  -15.044 1.00 28.77 ? 1   LCC A "O2'" 1 
HETATM 18  O "O3'" . LCC A 1 1 ? 1.959  0.616   -13.722 1.00 34.62 ? 1   LCC A "O3'" 1 
HETATM 19  C "C6'" . LCC A 1 1 ? 1.479  -0.941  -16.064 1.00 29.13 ? 1   LCC A "C6'" 1 
HETATM 20  P P     . TLN A 1 2 ? 1.677  1.460   -12.341 1.00 35.30 ? 2   TLN A P     1 
HETATM 21  O OP1   . TLN A 1 2 ? 1.651  2.871   -12.752 1.00 35.27 ? 2   TLN A OP1   1 
HETATM 22  O OP2   . TLN A 1 2 ? 2.732  0.948   -11.484 1.00 31.70 ? 2   TLN A OP2   1 
HETATM 23  O "O5'" . TLN A 1 2 ? 0.222  1.103   -11.848 1.00 29.65 ? 2   TLN A "O5'" 1 
HETATM 24  C "C5'" . TLN A 1 2 ? -0.910 1.281   -12.739 1.00 28.26 ? 2   TLN A "C5'" 1 
HETATM 25  C "C4'" . TLN A 1 2 ? -2.041 0.502   -12.061 1.00 30.56 ? 2   TLN A "C4'" 1 
HETATM 26  O "O4'" . TLN A 1 2 ? -1.763 -0.905  -11.848 1.00 27.86 ? 2   TLN A "O4'" 1 
HETATM 27  C "C1'" . TLN A 1 2 ? -2.660 -1.224  -10.751 1.00 28.09 ? 2   TLN A "C1'" 1 
HETATM 28  N N1    . TLN A 1 2 ? -1.927 -1.839  -9.634  1.00 29.48 ? 2   TLN A N1    1 
HETATM 29  C C6    . TLN A 1 2 ? -0.478 -1.770  -9.592  1.00 31.52 ? 2   TLN A C6    1 
HETATM 30  C C5    . TLN A 1 2 ? 0.265  -2.408  -8.623  1.00 30.54 ? 2   TLN A C5    1 
HETATM 31  C C5M   . TLN A 1 2 ? 1.644  -2.252  -8.602  1.00 30.61 ? 2   TLN A C5M   1 
HETATM 32  C C4    . TLN A 1 2 ? -0.453 -3.181  -7.673  1.00 33.67 ? 2   TLN A C4    1 
HETATM 33  O O4    . TLN A 1 2 ? 0.095  -3.844  -6.793  1.00 31.51 ? 2   TLN A O4    1 
HETATM 34  N N3    . TLN A 1 2 ? -1.863 -3.252  -7.723  1.00 29.51 ? 2   TLN A N3    1 
HETATM 35  C C2    . TLN A 1 2 ? -2.594 -2.606  -8.714  1.00 31.67 ? 2   TLN A C2    1 
HETATM 36  O O2    . TLN A 1 2 ? -3.816 -2.732  -8.691  1.00 27.91 ? 2   TLN A O2    1 
HETATM 37  C "C3'" . TLN A 1 2 ? -2.405 0.991   -10.685 1.00 30.53 ? 2   TLN A "C3'" 1 
HETATM 38  C "C2'" . TLN A 1 2 ? -3.466 -0.006  -10.516 1.00 30.12 ? 2   TLN A "C2'" 1 
HETATM 39  O "O2'" . TLN A 1 2 ? -4.286 0.271   -11.638 1.00 29.57 ? 2   TLN A "O2'" 1 
HETATM 40  O "O3'" . TLN A 1 2 ? -3.106 2.293   -10.567 1.00 35.79 ? 2   TLN A "O3'" 1 
HETATM 41  C "C6'" . TLN A 1 2 ? -3.367 0.630   -12.789 1.00 31.15 ? 2   TLN A "C6'" 1 
HETATM 42  P P     . LCG A 1 3 ? -2.841 3.358   -9.294  1.00 36.22 ? 3   LCG A P     1 
HETATM 43  O OP1   . LCG A 1 3 ? -3.441 4.611   -9.782  1.00 35.19 ? 3   LCG A OP1   1 
HETATM 44  O "O5'" . LCG A 1 3 ? -3.837 2.585   -8.395  1.00 30.82 ? 3   LCG A "O5'" 1 
HETATM 45  C "C5'" . LCG A 1 3 ? -5.286 2.789   -8.607  1.00 34.29 ? 3   LCG A "C5'" 1 
HETATM 46  C "C3'" . LCG A 1 3 ? -5.748 2.054   -6.239  1.00 31.63 ? 3   LCG A "C3'" 1 
HETATM 47  C "C6'" . LCG A 1 3 ? -7.439 1.741   -7.840  1.00 33.94 ? 3   LCG A "C6'" 1 
HETATM 48  N N9    . LCG A 1 3 ? -4.422 -0.533  -5.872  1.00 30.39 ? 3   LCG A N9    1 
HETATM 49  C C8    . LCG A 1 3 ? -3.178 -0.216  -6.258  1.00 28.57 ? 3   LCG A C8    1 
HETATM 50  C C4    . LCG A 1 3 ? -4.372 -1.394  -4.868  1.00 28.36 ? 3   LCG A C4    1 
HETATM 51  N N7    . LCG A 1 3 ? -2.330 -0.898  -5.510  1.00 29.56 ? 3   LCG A N7    1 
HETATM 52  C C5    . LCG A 1 3 ? -3.054 -1.613  -4.613  1.00 30.85 ? 3   LCG A C5    1 
HETATM 53  C C6    . LCG A 1 3 ? -2.713 -2.435  -3.580  1.00 28.09 ? 3   LCG A C6    1 
HETATM 54  C "C2'" . LCG A 1 3 ? -6.505 0.906   -5.817  1.00 32.39 ? 3   LCG A "C2'" 1 
HETATM 55  O O6    . LCG A 1 3 ? -1.555 -2.709  -3.310  1.00 26.51 ? 3   LCG A O6    1 
HETATM 56  C "C4'" . LCG A 1 3 ? -5.923 1.777   -7.694  1.00 33.35 ? 3   LCG A "C4'" 1 
HETATM 57  C "C1'" . LCG A 1 3 ? -5.760 -0.149  -6.450  1.00 31.81 ? 3   LCG A "C1'" 1 
HETATM 58  C C2    . LCG A 1 3 ? -5.070 -2.826  -3.178  1.00 30.91 ? 3   LCG A C2    1 
HETATM 59  N N1    . LCG A 1 3 ? -3.726 -3.056  -2.885  1.00 29.40 ? 3   LCG A N1    1 
HETATM 60  O "O4'" . LCG A 1 3 ? -5.372 0.459   -7.764  1.00 32.90 ? 3   LCG A "O4'" 1 
HETATM 61  O OP2   . LCG A 1 3 ? -1.558 3.177   -8.570  1.00 32.75 ? 3   LCG A OP2   1 
HETATM 62  N N2    . LCG A 1 3 ? -6.011 -3.445  -2.486  1.00 32.48 ? 3   LCG A N2    1 
HETATM 63  N N3    . LCG A 1 3 ? -5.374 -1.957  -4.165  1.00 28.20 ? 3   LCG A N3    1 
HETATM 64  O "O2'" . LCG A 1 3 ? -7.730 1.052   -6.542  1.00 34.45 ? 3   LCG A "O2'" 1 
HETATM 65  O "O3'" . LCG A 1 3 ? -6.399 3.232   -5.851  1.00 36.32 ? 3   LCG A "O3'" 1 
ATOM   66  P P     . U   A 1 4 ? -5.958 4.284   -4.655  1.00 35.87 ? 4   U   A P     1 
ATOM   67  O OP1   . U   A 1 4 ? -6.657 5.527   -4.991  1.00 48.82 ? 4   U   A OP1   1 
ATOM   68  O OP2   . U   A 1 4 ? -4.503 4.298   -4.528  1.00 41.59 ? 4   U   A OP2   1 
ATOM   69  O "O5'" . U   A 1 4 ? -6.571 3.494   -3.420  1.00 35.30 ? 4   U   A "O5'" 1 
ATOM   70  C "C5'" . U   A 1 4 ? -7.963 3.159   -3.285  1.00 34.69 ? 4   U   A "C5'" 1 
ATOM   71  C "C4'" . U   A 1 4 ? -8.166 2.170   -2.174  1.00 31.72 ? 4   U   A "C4'" 1 
ATOM   72  O "O4'" . U   A 1 4 ? -7.516 0.909   -2.468  1.00 30.99 ? 4   U   A "O4'" 1 
ATOM   73  C "C3'" . U   A 1 4 ? -7.591 2.525   -0.816  1.00 34.43 ? 4   U   A "C3'" 1 
ATOM   74  O "O3'" . U   A 1 4 ? -8.439 3.397   -0.120  1.00 33.31 ? 4   U   A "O3'" 1 
ATOM   75  C "C2'" . U   A 1 4 ? -7.607 1.174   -0.135  1.00 34.11 ? 4   U   A "C2'" 1 
ATOM   76  O "O2'" . U   A 1 4 ? -8.896 0.731   0.273   1.00 37.97 ? 4   U   A "O2'" 1 
ATOM   77  C "C1'" . U   A 1 4 ? -7.085 0.294   -1.266  1.00 35.61 ? 4   U   A "C1'" 1 
ATOM   78  N N1    . U   A 1 4 ? -5.623 0.230   -1.300  1.00 33.28 ? 4   U   A N1    1 
ATOM   79  C C2    . U   A 1 4 ? -4.957 -0.579  -0.392  1.00 30.57 ? 4   U   A C2    1 
ATOM   80  O O2    . U   A 1 4 ? -5.526 -1.268  0.436   1.00 34.19 ? 4   U   A O2    1 
ATOM   81  N N3    . U   A 1 4 ? -3.597 -0.592  -0.535  1.00 31.08 ? 4   U   A N3    1 
ATOM   82  C C4    . U   A 1 4 ? -2.850 0.104   -1.461  1.00 27.79 ? 4   U   A C4    1 
ATOM   83  O O4    . U   A 1 4 ? -1.633 -0.036  -1.482  1.00 26.69 ? 4   U   A O4    1 
ATOM   84  C C5    . U   A 1 4 ? -3.611 0.908   -2.354  1.00 28.95 ? 4   U   A C5    1 
ATOM   85  C C6    . U   A 1 4 ? -4.931 0.972   -2.224  1.00 29.59 ? 4   U   A C6    1 
ATOM   86  P P     . A   A 1 5 ? -7.840 4.437   0.908   1.00 36.73 ? 5   A   A P     1 
ATOM   87  O OP1   . A   A 1 5 ? -8.874 5.462   1.177   1.00 32.59 ? 5   A   A OP1   1 
ATOM   88  O OP2   . A   A 1 5 ? -6.516 4.865   0.472   1.00 36.41 ? 5   A   A OP2   1 
ATOM   89  O "O5'" . A   A 1 5 ? -7.551 3.517   2.170   1.00 33.37 ? 5   A   A "O5'" 1 
ATOM   90  C "C5'" . A   A 1 5 ? -8.579 2.860   2.893   1.00 33.61 ? 5   A   A "C5'" 1 
ATOM   91  C "C4'" . A   A 1 5 ? -7.958 2.003   3.975   1.00 30.97 ? 5   A   A "C4'" 1 
ATOM   92  O "O4'" . A   A 1 5 ? -7.173 0.953   3.392   1.00 30.16 ? 5   A   A "O4'" 1 
ATOM   93  C "C3'" . A   A 1 5 ? -6.978 2.730   4.876   1.00 33.38 ? 5   A   A "C3'" 1 
ATOM   94  O "O3'" . A   A 1 5 ? -7.689 3.403   5.893   1.00 31.66 ? 5   A   A "O3'" 1 
ATOM   95  C "C2'" . A   A 1 5 ? -6.157 1.588   5.417   1.00 32.98 ? 5   A   A "C2'" 1 
ATOM   96  O "O2'" . A   A 1 5 ? -6.869 0.735   6.257   1.00 34.86 ? 5   A   A "O2'" 1 
ATOM   97  C "C1'" . A   A 1 5 ? -6.022 0.733   4.178   1.00 32.63 ? 5   A   A "C1'" 1 
ATOM   98  N N9    . A   A 1 5 ? -4.851 1.041   3.377   1.00 31.94 ? 5   A   A N9    1 
ATOM   99  C C8    . A   A 1 5 ? -4.749 1.872   2.293   1.00 29.35 ? 5   A   A C8    1 
ATOM   100 N N7    . A   A 1 5 ? -3.566 1.864   1.734   1.00 29.11 ? 5   A   A N7    1 
ATOM   101 C C5    . A   A 1 5 ? -2.832 0.991   2.522   1.00 26.95 ? 5   A   A C5    1 
ATOM   102 C C6    . A   A 1 5 ? -1.493 0.578   2.469   1.00 27.36 ? 5   A   A C6    1 
ATOM   103 N N6    . A   A 1 5 ? -0.628 0.990   1.536   1.00 24.69 ? 5   A   A N6    1 
ATOM   104 N N1    . A   A 1 5 ? -1.069 -0.290  3.407   1.00 26.63 ? 5   A   A N1    1 
ATOM   105 C C2    . A   A 1 5 ? -1.937 -0.693  4.349   1.00 29.16 ? 5   A   A C2    1 
ATOM   106 N N3    . A   A 1 5 ? -3.213 -0.361  4.515   1.00 29.16 ? 5   A   A N3    1 
ATOM   107 C C4    . A   A 1 5 ? -3.605 0.492   3.550   1.00 28.64 ? 5   A   A C4    1 
ATOM   108 P P     . C   A 1 6 ? -7.157 4.748   6.485   1.00 33.40 ? 6   C   A P     1 
ATOM   109 O OP1   . C   A 1 6 ? -8.269 5.295   7.312   1.00 33.48 ? 6   C   A OP1   1 
ATOM   110 O OP2   . C   A 1 6 ? -6.601 5.573   5.383   1.00 35.89 ? 6   C   A OP2   1 
ATOM   111 O "O5'" . C   A 1 6 ? -5.950 4.324   7.469   1.00 30.66 ? 6   C   A "O5'" 1 
ATOM   112 C "C5'" . C   A 1 6 ? -6.161 3.581   8.679   1.00 27.56 ? 6   C   A "C5'" 1 
ATOM   113 C "C4'" . C   A 1 6 ? -4.874 2.915   9.108   1.00 30.87 ? 6   C   A "C4'" 1 
ATOM   114 O "O4'" . C   A 1 6 ? -4.380 2.026   8.063   1.00 31.02 ? 6   C   A "O4'" 1 
ATOM   115 C "C3'" . C   A 1 6 ? -3.684 3.819   9.398   1.00 32.50 ? 6   C   A "C3'" 1 
ATOM   116 O "O3'" . C   A 1 6 ? -3.747 4.525   10.650  1.00 28.47 ? 6   C   A "O3'" 1 
ATOM   117 C "C2'" . C   A 1 6 ? -2.539 2.824   9.314   1.00 28.71 ? 6   C   A "C2'" 1 
ATOM   118 O "O2'" . C   A 1 6 ? -2.547 2.030   10.453  1.00 28.24 ? 6   C   A "O2'" 1 
ATOM   119 C "C1'" . C   A 1 6 ? -2.962 1.977   8.117   1.00 31.61 ? 6   C   A "C1'" 1 
ATOM   120 N N1    . C   A 1 6 ? -2.392 2.474   6.837   1.00 28.55 ? 6   C   A N1    1 
ATOM   121 C C2    . C   A 1 6 ? -1.095 2.072   6.472   1.00 25.53 ? 6   C   A C2    1 
ATOM   122 O O2    . C   A 1 6 ? -0.472 1.302   7.217   1.00 26.36 ? 6   C   A O2    1 
ATOM   123 N N3    . C   A 1 6 ? -0.591 2.474   5.291   1.00 23.06 ? 6   C   A N3    1 
ATOM   124 C C4    . C   A 1 6 ? -1.287 3.314   4.525   1.00 26.61 ? 6   C   A C4    1 
ATOM   125 N N4    . C   A 1 6 ? -0.720 3.758   3.394   1.00 26.40 ? 6   C   A N4    1 
ATOM   126 C C5    . C   A 1 6 ? -2.589 3.769   4.892   1.00 29.90 ? 6   C   A C5    1 
ATOM   127 C C6    . C   A 1 6 ? -3.098 3.325   6.043   1.00 27.87 ? 6   C   A C6    1 
ATOM   128 P P     . A   A 1 7 ? -3.131 5.918   10.785  1.00 32.11 ? 7   A   A P     1 
ATOM   129 O OP1   . A   A 1 7 ? -3.625 6.535   12.071  1.00 36.80 ? 7   A   A OP1   1 
ATOM   130 O OP2   . A   A 1 7 ? -3.278 6.675   9.563   1.00 33.01 ? 7   A   A OP2   1 
ATOM   131 O "O5'" . A   A 1 7 ? -1.565 5.602   10.923  1.00 28.00 ? 7   A   A "O5'" 1 
ATOM   132 C "C5'" . A   A 1 7 ? -0.944 5.265   12.150  1.00 30.86 ? 7   A   A "C5'" 1 
ATOM   133 C "C4'" . A   A 1 7 ? 0.453  4.800   11.895  1.00 27.86 ? 7   A   A "C4'" 1 
ATOM   134 O "O4'" . A   A 1 7 ? 0.555  3.926   10.729  1.00 29.08 ? 7   A   A "O4'" 1 
ATOM   135 C "C3'" . A   A 1 7 ? 1.394  5.928   11.564  1.00 27.86 ? 7   A   A "C3'" 1 
ATOM   136 O "O3'" . A   A 1 7 ? 1.762  6.537   12.755  1.00 29.76 ? 7   A   A "O3'" 1 
ATOM   137 C "C2'" . A   A 1 7 ? 2.533  5.155   10.941  1.00 29.90 ? 7   A   A "C2'" 1 
ATOM   138 O "O2'" . A   A 1 7 ? 3.269  4.539   11.986  1.00 33.37 ? 7   A   A "O2'" 1 
ATOM   139 C "C1'" . A   A 1 7 ? 1.770  4.199   10.035  1.00 26.54 ? 7   A   A "C1'" 1 
ATOM   140 N N9    . A   A 1 7 ? 1.457  4.676   8.672   1.00 29.24 ? 7   A   A N9    1 
ATOM   141 C C8    . A   A 1 7 ? 0.265  5.139   8.170   1.00 27.40 ? 7   A   A C8    1 
ATOM   142 N N7    . A   A 1 7 ? 0.311  5.442   6.897   1.00 25.82 ? 7   A   A N7    1 
ATOM   143 C C5    . A   A 1 7 ? 1.609  5.131   6.526   1.00 29.28 ? 7   A   A C5    1 
ATOM   144 C C6    . A   A 1 7 ? 2.299  5.234   5.300   1.00 30.80 ? 7   A   A C6    1 
ATOM   145 N N6    . A   A 1 7 ? 1.757  5.685   4.172   1.00 27.87 ? 7   A   A N6    1 
ATOM   146 N N1    . A   A 1 7 ? 3.588  4.855   5.276   1.00 28.34 ? 7   A   A N1    1 
ATOM   147 C C2    . A   A 1 7 ? 4.152  4.434   6.408   1.00 28.66 ? 7   A   A C2    1 
ATOM   148 N N3    . A   A 1 7 ? 3.607  4.268   7.611   1.00 31.66 ? 7   A   A N3    1 
ATOM   149 C C4    . A   A 1 7 ? 2.320  4.642   7.603   1.00 28.43 ? 7   A   A C4    1 
HETATM 150 O "O5'" . LCC B 1 1 ? 8.999  9.548   -5.009  1.00 40.49 ? 1   LCC B "O5'" 1 
HETATM 151 C "C5'" . LCC B 1 1 ? 10.253 9.698   -4.361  1.00 40.48 ? 1   LCC B "C5'" 1 
HETATM 152 C "C4'" . LCC B 1 1 ? 9.939  9.457   -2.889  1.00 37.96 ? 1   LCC B "C4'" 1 
HETATM 153 O "O4'" . LCC B 1 1 ? 9.007  10.274  -2.239  1.00 35.65 ? 1   LCC B "O4'" 1 
HETATM 154 C "C1'" . LCC B 1 1 ? 8.724  9.660   -1.041  1.00 34.92 ? 1   LCC B "C1'" 1 
HETATM 155 N N1    . LCC B 1 1 ? 7.252  9.508   -0.905  1.00 35.19 ? 1   LCC B N1    1 
HETATM 156 C C6    . LCC B 1 1 ? 6.393  9.707   -2.025  1.00 37.17 ? 1   LCC B C6    1 
HETATM 157 C C5    . LCC B 1 1 ? 5.032  9.595   -1.839  1.00 40.13 ? 1   LCC B C5    1 
HETATM 158 C C5M   . LCC B 1 1 ? 4.147  9.765   -2.877  1.00 46.36 ? 1   LCC B C5M   1 
HETATM 159 C C4    . LCC B 1 1 ? 4.581  9.301   -0.558  1.00 35.14 ? 1   LCC B C4    1 
HETATM 160 N N4    . LCC B 1 1 ? 3.297  9.181   -0.392  1.00 31.84 ? 1   LCC B N4    1 
HETATM 161 N N3    . LCC B 1 1 ? 5.432  9.080   0.442   1.00 30.89 ? 1   LCC B N3    1 
HETATM 162 C C2    . LCC B 1 1 ? 6.756  9.186   0.314   1.00 31.92 ? 1   LCC B C2    1 
HETATM 163 O O2    . LCC B 1 1 ? 7.473  9.033   1.316   1.00 31.69 ? 1   LCC B O2    1 
HETATM 164 C "C3'" . LCC B 1 1 ? 9.373  8.158   -2.592  1.00 37.71 ? 1   LCC B "C3'" 1 
HETATM 165 C "C2'" . LCC B 1 1 ? 9.454  8.378   -1.176  1.00 35.85 ? 1   LCC B "C2'" 1 
HETATM 166 O "O2'" . LCC B 1 1 ? 10.817 8.695   -0.976  1.00 40.11 ? 1   LCC B "O2'" 1 
HETATM 167 O "O3'" . LCC B 1 1 ? 10.008 6.810   -2.823  1.00 40.10 ? 1   LCC B "O3'" 1 
HETATM 168 C "C6'" . LCC B 1 1 ? 11.216 9.572   -2.089  1.00 39.59 ? 1   LCC B "C6'" 1 
HETATM 169 P P     . TLN B 1 2 ? 9.650  5.257   -3.000  1.00 43.00 ? 2   TLN B P     1 
HETATM 170 O OP1   . TLN B 1 2 ? 10.837 4.523   -3.546  1.00 45.56 ? 2   TLN B OP1   1 
HETATM 171 O OP2   . TLN B 1 2 ? 8.277  4.923   -3.356  1.00 42.10 ? 2   TLN B OP2   1 
HETATM 172 O "O5'" . TLN B 1 2 ? 9.805  5.182   -1.395  1.00 39.95 ? 2   TLN B "O5'" 1 
HETATM 173 C "C5'" . TLN B 1 2 ? 10.991 4.970   -0.677  1.00 38.86 ? 2   TLN B "C5'" 1 
HETATM 174 C "C4'" . TLN B 1 2 ? 10.543 4.833   0.733   1.00 38.82 ? 2   TLN B "C4'" 1 
HETATM 175 O "O4'" . TLN B 1 2 ? 9.702  5.945   1.247   1.00 39.26 ? 2   TLN B "O4'" 1 
HETATM 176 C "C1'" . TLN B 1 2 ? 9.002  5.195   2.386   1.00 39.39 ? 2   TLN B "C1'" 1 
HETATM 177 N N1    . TLN B 1 2 ? 7.535  5.196   2.131   1.00 35.45 ? 2   TLN B N1    1 
HETATM 178 C C6    . TLN B 1 2 ? 7.030  5.428   0.819   1.00 31.51 ? 2   TLN B C6    1 
HETATM 179 C C5    . TLN B 1 2 ? 5.653  5.526   0.613   1.00 33.71 ? 2   TLN B C5    1 
HETATM 180 C C5M   . TLN B 1 2 ? 5.092  5.741   -0.679  1.00 31.06 ? 2   TLN B C5M   1 
HETATM 181 C C4    . TLN B 1 2 ? 4.814  5.421   1.758   1.00 31.72 ? 2   TLN B C4    1 
HETATM 182 O O4    . TLN B 1 2 ? 3.621  5.510   1.685   1.00 30.71 ? 2   TLN B O4    1 
HETATM 183 N N3    . TLN B 1 2 ? 5.333  5.225   2.995   1.00 28.93 ? 2   TLN B N3    1 
HETATM 184 C C2    . TLN B 1 2 ? 6.719  5.112   3.188   1.00 30.60 ? 2   TLN B C2    1 
HETATM 185 O O2    . TLN B 1 2 ? 7.164  4.927   4.292   1.00 28.83 ? 2   TLN B O2    1 
HETATM 186 C "C3'" . TLN B 1 2 ? 9.840  3.527   1.032   1.00 40.27 ? 2   TLN B "C3'" 1 
HETATM 187 C "C2'" . TLN B 1 2 ? 9.589  3.821   2.452   1.00 39.31 ? 2   TLN B "C2'" 1 
HETATM 188 O "O2'" . TLN B 1 2 ? 10.879 3.957   2.877   1.00 41.69 ? 2   TLN B "O2'" 1 
HETATM 189 O "O3'" . TLN B 1 2 ? 10.618 2.199   0.988   1.00 36.91 ? 2   TLN B "O3'" 1 
HETATM 190 C "C6'" . TLN B 1 2 ? 11.651 4.667   1.682   1.00 41.41 ? 2   TLN B "C6'" 1 
HETATM 191 P P     . LCG B 1 3 ? 9.930  0.876   0.328   1.00 42.03 ? 3   LCG B P     1 
HETATM 192 O OP1   . LCG B 1 3 ? 11.066 -0.115  0.149   1.00 46.86 ? 3   LCG B OP1   1 
HETATM 193 O "O5'" . LCG B 1 3 ? 9.395  0.638   1.865   1.00 43.83 ? 3   LCG B "O5'" 1 
HETATM 194 C "C5'" . LCG B 1 3 ? 10.161 0.179   3.018   1.00 37.76 ? 3   LCG B "C5'" 1 
HETATM 195 C "C3'" . LCG B 1 3 ? 8.125  -0.981  3.852   1.00 35.33 ? 3   LCG B "C3'" 1 
HETATM 196 C "C6'" . LCG B 1 3 ? 9.712  -0.350  5.462   1.00 37.71 ? 3   LCG B "C6'" 1 
HETATM 197 N N9    . LCG B 1 3 ? 5.896  1.255   4.032   1.00 31.19 ? 3   LCG B N9    1 
HETATM 198 C C8    . LCG B 1 3 ? 5.918  1.631   2.759   1.00 29.53 ? 3   LCG B C8    1 
HETATM 199 C C4    . LCG B 1 3 ? 4.671  1.375   4.513   1.00 27.41 ? 3   LCG B C4    1 
HETATM 200 N N7    . LCG B 1 3 ? 4.695  1.999   2.423   1.00 28.65 ? 3   LCG B N7    1 
HETATM 201 C C5    . LCG B 1 3 ? 3.940  1.828   3.511   1.00 27.38 ? 3   LCG B C5    1 
HETATM 202 C C6    . LCG B 1 3 ? 2.643  2.069   3.671   1.00 30.65 ? 3   LCG B C6    1 
HETATM 203 C "C2'" . LCG B 1 3 ? 7.431  -0.654  5.139   1.00 37.43 ? 3   LCG B "C2'" 1 
HETATM 204 O O6    . LCG B 1 3 ? 1.927  2.532   2.738   1.00 27.72 ? 3   LCG B O6    1 
HETATM 205 C "C4'" . LCG B 1 3 ? 9.137  0.066   4.114   1.00 35.52 ? 3   LCG B "C4'" 1 
HETATM 206 C "C1'" . LCG B 1 3 ? 7.109  0.835   4.909   1.00 36.52 ? 3   LCG B "C1'" 1 
HETATM 207 C C2    . LCG B 1 3 ? 2.938  1.342   5.981   1.00 24.60 ? 3   LCG B C2    1 
HETATM 208 N N1    . LCG B 1 3 ? 2.147  1.802   4.952   1.00 27.10 ? 3   LCG B N1    1 
HETATM 209 O "O4'" . LCG B 1 3 ? 8.352  1.331   4.284   1.00 34.16 ? 3   LCG B "O4'" 1 
HETATM 210 O OP2   . LCG B 1 3 ? 8.674  0.762   -0.393  1.00 48.52 ? 3   LCG B OP2   1 
HETATM 211 N N2    . LCG B 1 3 ? 2.381  1.099   7.178   1.00 28.20 ? 3   LCG B N2    1 
HETATM 212 N N3    . LCG B 1 3 ? 4.219  1.124   5.767   1.00 24.82 ? 3   LCG B N3    1 
HETATM 213 O "O2'" . LCG B 1 3 ? 8.461  -0.772  6.163   1.00 38.49 ? 3   LCG B "O2'" 1 
HETATM 214 O "O3'" . LCG B 1 3 ? 8.577  -2.354  3.928   1.00 32.93 ? 3   LCG B "O3'" 1 
ATOM   215 P P     . U   B 1 4 ? 7.816  -3.502  3.154   1.00 44.11 ? 4   U   B P     1 
ATOM   216 O OP1   . U   B 1 4 ? 9.066  -4.310  3.304   1.00 44.37 ? 4   U   B OP1   1 
ATOM   217 O OP2   . U   B 1 4 ? 7.122  -3.449  1.845   1.00 41.93 ? 4   U   B OP2   1 
ATOM   218 O "O5'" . U   B 1 4 ? 6.684  -4.177  4.055   1.00 37.89 ? 4   U   B "O5'" 1 
ATOM   219 C "C5'" . U   B 1 4 ? 6.844  -4.326  5.475   1.00 35.97 ? 4   U   B "C5'" 1 
ATOM   220 C "C4'" . U   B 1 4 ? 5.482  -4.322  6.117   1.00 35.44 ? 4   U   B "C4'" 1 
ATOM   221 O "O4'" . U   B 1 4 ? 4.947  -2.954  6.178   1.00 32.26 ? 4   U   B "O4'" 1 
ATOM   222 C "C3'" . U   B 1 4 ? 4.392  -5.086  5.375   1.00 32.91 ? 4   U   B "C3'" 1 
ATOM   223 O "O3'" . U   B 1 4 ? 4.326  -6.484  5.616   1.00 33.77 ? 4   U   B "O3'" 1 
ATOM   224 C "C2'" . U   B 1 4 ? 3.174  -4.496  6.023   1.00 32.73 ? 4   U   B "C2'" 1 
ATOM   225 O "O2'" . U   B 1 4 ? 3.114  -4.861  7.371   1.00 33.59 ? 4   U   B "O2'" 1 
ATOM   226 C "C1'" . U   B 1 4 ? 3.549  -3.029  6.024   1.00 31.65 ? 4   U   B "C1'" 1 
ATOM   227 N N1    . U   B 1 4 ? 3.161  -2.375  4.782   1.00 27.27 ? 4   U   B N1    1 
ATOM   228 C C2    . U   B 1 4 ? 1.873  -1.875  4.731   1.00 26.33 ? 4   U   B C2    1 
ATOM   229 O O2    . U   B 1 4 ? 1.072  -2.012  5.632   1.00 25.01 ? 4   U   B O2    1 
ATOM   230 N N3    . U   B 1 4 ? 1.578  -1.177  3.599   1.00 25.67 ? 4   U   B N3    1 
ATOM   231 C C4    . U   B 1 4 ? 2.397  -0.969  2.518   1.00 25.97 ? 4   U   B C4    1 
ATOM   232 O O4    . U   B 1 4 ? 1.963  -0.370  1.548   1.00 26.89 ? 4   U   B O4    1 
ATOM   233 C C5    . U   B 1 4 ? 3.714  -1.517  2.648   1.00 26.95 ? 4   U   B C5    1 
ATOM   234 C C6    . U   B 1 4 ? 4.047  -2.156  3.767   1.00 26.79 ? 4   U   B C6    1 
ATOM   235 P P     . A   B 1 5 ? 3.769  -7.508  4.520   1.00 38.00 ? 5   A   B P     1 
ATOM   236 O OP1   . A   B 1 5 ? 4.185  -8.848  4.967   1.00 45.94 ? 5   A   B OP1   1 
ATOM   237 O OP2   . A   B 1 5 ? 4.147  -7.021  3.174   1.00 42.36 ? 5   A   B OP2   1 
ATOM   238 O "O5'" . A   B 1 5 ? 2.199  -7.476  4.691   1.00 32.42 ? 5   A   B "O5'" 1 
ATOM   239 C "C5'" . A   B 1 5 ? 1.632  -7.730  5.982   1.00 34.53 ? 5   A   B "C5'" 1 
ATOM   240 C "C4'" . A   B 1 5 ? 0.230  -7.225  6.040   1.00 37.88 ? 5   A   B "C4'" 1 
ATOM   241 O "O4'" . A   B 1 5 ? 0.249  -5.780  5.834   1.00 39.17 ? 5   A   B "O4'" 1 
ATOM   242 C "C3'" . A   B 1 5 ? -0.688 -7.738  4.927   1.00 41.06 ? 5   A   B "C3'" 1 
ATOM   243 O "O3'" . A   B 1 5 ? -1.322 -8.998  5.071   1.00 47.91 ? 5   A   B "O3'" 1 
ATOM   244 C "C2'" . A   B 1 5 ? -1.762 -6.669  4.911   1.00 38.28 ? 5   A   B "C2'" 1 
ATOM   245 O "O2'" . A   B 1 5 ? -2.736 -6.773  5.915   1.00 44.36 ? 5   A   B "O2'" 1 
ATOM   246 C "C1'" . A   B 1 5 ? -0.912 -5.414  5.100   1.00 35.39 ? 5   A   B "C1'" 1 
ATOM   247 N N9    . A   B 1 5 ? -0.485 -4.829  3.827   1.00 33.41 ? 5   A   B N9    1 
ATOM   248 C C8    . A   B 1 5 ? 0.709  -4.934  3.164   1.00 28.39 ? 5   A   B C8    1 
ATOM   249 N N7    . A   B 1 5 ? 0.758  -4.234  2.060   1.00 29.70 ? 5   A   B N7    1 
ATOM   250 C C5    . A   B 1 5 ? -0.498 -3.650  1.976   1.00 29.30 ? 5   A   B C5    1 
ATOM   251 C C6    . A   B 1 5 ? -1.056 -2.729  1.071   1.00 27.95 ? 5   A   B C6    1 
ATOM   252 N N6    . A   B 1 5 ? -0.416 -2.276  -0.007  1.00 27.76 ? 5   A   B N6    1 
ATOM   253 N N1    . A   B 1 5 ? -2.324 -2.318  1.293   1.00 31.23 ? 5   A   B N1    1 
ATOM   254 C C2    . A   B 1 5 ? -2.965 -2.776  2.377   1.00 33.18 ? 5   A   B C2    1 
ATOM   255 N N3    . A   B 1 5 ? -2.526 -3.597  3.327   1.00 30.12 ? 5   A   B N3    1 
ATOM   256 C C4    . A   B 1 5 ? -1.268 -3.996  3.065   1.00 28.60 ? 5   A   B C4    1 
ATOM   257 P P     . C   B 1 6 ? -1.488 -10.008 3.800   1.00 44.77 ? 6   C   B P     1 
ATOM   258 O OP1   . C   B 1 6 ? -1.692 -11.382 4.331   1.00 53.42 ? 6   C   B OP1   1 
ATOM   259 O OP2   . C   B 1 6 ? -0.483 -9.748  2.771   1.00 43.16 ? 6   C   B OP2   1 
ATOM   260 O "O5'" . C   B 1 6 ? -2.859 -9.548  3.164   1.00 47.65 ? 6   C   B "O5'" 1 
ATOM   261 C "C5'" . C   B 1 6 ? -4.005 -9.397  3.961   1.00 40.88 ? 6   C   B "C5'" 1 
ATOM   262 C "C4'" . C   B 1 6 ? -4.936 -8.479  3.239   1.00 47.07 ? 6   C   B "C4'" 1 
ATOM   263 O "O4'" . C   B 1 6 ? -4.317 -7.186  3.050   1.00 46.03 ? 6   C   B "O4'" 1 
ATOM   264 C "C3'" . C   B 1 6 ? -5.305 -8.876  1.823   1.00 48.06 ? 6   C   B "C3'" 1 
ATOM   265 O "O3'" . C   B 1 6 ? -6.387 -9.784  1.696   1.00 57.60 ? 6   C   B "O3'" 1 
ATOM   266 C "C2'" . C   B 1 6 ? -5.849 -7.577  1.292   1.00 40.63 ? 6   C   B "C2'" 1 
ATOM   267 O "O2'" . C   B 1 6 ? -7.148 -7.352  1.779   1.00 42.08 ? 6   C   B "O2'" 1 
ATOM   268 C "C1'" . C   B 1 6 ? -4.856 -6.588  1.884   1.00 41.87 ? 6   C   B "C1'" 1 
ATOM   269 N N1    . C   B 1 6 ? -3.752 -6.266  0.967   1.00 39.11 ? 6   C   B N1    1 
ATOM   270 C C2    . C   B 1 6 ? -3.949 -5.249  0.025   1.00 32.21 ? 6   C   B C2    1 
ATOM   271 O O2    . C   B 1 6 ? -5.065 -4.717  -0.060  1.00 33.98 ? 6   C   B O2    1 
ATOM   272 N N3    . C   B 1 6 ? -2.945 -4.920  -0.800  1.00 29.46 ? 6   C   B N3    1 
ATOM   273 C C4    . C   B 1 6 ? -1.761 -5.519  -0.682  1.00 32.20 ? 6   C   B C4    1 
ATOM   274 N N4    . C   B 1 6 ? -0.797 -5.137  -1.494  1.00 32.12 ? 6   C   B N4    1 
ATOM   275 C C5    . C   B 1 6 ? -1.526 -6.551  0.271   1.00 33.98 ? 6   C   B C5    1 
ATOM   276 C C6    . C   B 1 6 ? -2.536 -6.879  1.080   1.00 32.98 ? 6   C   B C6    1 
ATOM   277 P P     . A   B 1 7 ? -6.299 -10.891 0.575   1.00 58.56 ? 7   A   B P     1 
ATOM   278 O OP1   . A   B 1 7 ? -7.001 -12.115 1.093   1.00 71.37 ? 7   A   B OP1   1 
ATOM   279 O OP2   . A   B 1 7 ? -4.889 -10.977 0.087   1.00 49.02 ? 7   A   B OP2   1 
ATOM   280 O "O5'" . A   B 1 7 ? -6.972 -10.207 -0.702  1.00 61.70 ? 7   A   B "O5'" 1 
ATOM   281 C "C5'" . A   B 1 7 ? -8.150 -9.367  -0.664  1.00 57.62 ? 7   A   B "C5'" 1 
ATOM   282 C "C4'" . A   B 1 7 ? -8.242 -8.554  -1.947  1.00 50.14 ? 7   A   B "C4'" 1 
ATOM   283 O "O4'" . A   B 1 7 ? -7.363 -7.398  -1.868  1.00 41.98 ? 7   A   B "O4'" 1 
ATOM   284 C "C3'" . A   B 1 7 ? -7.778 -9.204  -3.254  1.00 49.03 ? 7   A   B "C3'" 1 
ATOM   285 O "O3'" . A   B 1 7 ? -8.592 -10.146 -3.930  1.00 53.92 ? 7   A   B "O3'" 1 
ATOM   286 C "C2'" . A   B 1 7 ? -7.681 -7.981  -4.153  1.00 46.46 ? 7   A   B "C2'" 1 
ATOM   287 O "O2'" . A   B 1 7 ? -8.883 -7.472  -4.692  1.00 46.93 ? 7   A   B "O2'" 1 
ATOM   288 C "C1'" . A   B 1 7 ? -7.045 -6.965  -3.192  1.00 41.51 ? 7   A   B "C1'" 1 
ATOM   289 N N9    . A   B 1 7 ? -5.589 -6.871  -3.354  1.00 33.93 ? 7   A   B N9    1 
ATOM   290 C C8    . A   B 1 7 ? -4.610 -7.607  -2.740  1.00 33.35 ? 7   A   B C8    1 
ATOM   291 N N7    . A   B 1 7 ? -3.404 -7.356  -3.183  1.00 33.53 ? 7   A   B N7    1 
ATOM   292 C C5    . A   B 1 7 ? -3.604 -6.390  -4.158  1.00 31.53 ? 7   A   B C5    1 
ATOM   293 C C6    . A   B 1 7 ? -2.715 -5.665  -4.971  1.00 27.99 ? 7   A   B C6    1 
ATOM   294 N N6    . A   B 1 7 ? -1.387 -5.789  -4.923  1.00 30.06 ? 7   A   B N6    1 
ATOM   295 N N1    . A   B 1 7 ? -3.246 -4.803  -5.861  1.00 30.13 ? 7   A   B N1    1 
ATOM   296 C C2    . A   B 1 7 ? -4.574 -4.668  -5.909  1.00 27.37 ? 7   A   B C2    1 
ATOM   297 N N3    . A   B 1 7 ? -5.506 -5.270  -5.182  1.00 30.57 ? 7   A   B N3    1 
ATOM   298 C C4    . A   B 1 7 ? -4.949 -6.127  -4.313  1.00 31.89 ? 7   A   B C4    1 
HETATM 299 O O1    . PZG C 2 . ? 0.954  -7.019  -8.236  1.00 32.53 ? 101 PZG A O1    1 
HETATM 300 C C1    . PZG C 2 . ? -0.261 -6.890  -8.438  1.00 30.14 ? 101 PZG A C1    1 
HETATM 301 N N1    . PZG C 2 . ? -0.610 -6.060  -9.473  1.00 31.99 ? 101 PZG A N1    1 
HETATM 302 C C2    . PZG C 2 . ? -1.931 -5.848  -9.782  1.00 30.05 ? 101 PZG A C2    1 
HETATM 303 N N2    . PZG C 2 . ? -2.214 -5.036  -10.753 1.00 27.86 ? 101 PZG A N2    1 
HETATM 304 N N3    . PZG C 2 . ? -2.835 -6.491  -9.066  1.00 29.94 ? 101 PZG A N3    1 
HETATM 305 C C3    . PZG C 2 . ? -2.456 -7.332  -8.085  1.00 28.72 ? 101 PZG A C3    1 
HETATM 306 C C4    . PZG C 2 . ? -1.192 -7.563  -7.779  1.00 28.67 ? 101 PZG A C4    1 
HETATM 307 N N4    . PZG C 2 . ? -1.151 -8.459  -6.758  1.00 28.57 ? 101 PZG A N4    1 
HETATM 308 C C5    . PZG C 2 . ? -2.369 -8.786  -6.467  1.00 29.73 ? 101 PZG A C5    1 
HETATM 309 N N5    . PZG C 2 . ? -3.181 -8.111  -7.303  1.00 31.19 ? 101 PZG A N5    1 
HETATM 310 C C6    . PZG C 2 . ? -4.689 -8.048  -7.435  1.00 33.48 ? 101 PZG A C6    1 
HETATM 311 O O2    . PZG C 2 . ? -5.279 -8.602  -6.213  1.00 39.24 ? 101 PZG A O2    1 
HETATM 312 C C7    . PZG C 2 . ? -5.259 -8.822  -8.608  1.00 35.62 ? 101 PZG A C7    1 
HETATM 313 O O3    . PZG C 2 . ? -6.606 -8.284  -8.858  1.00 37.39 ? 101 PZG A O3    1 
HETATM 314 C C8    . PZG C 2 . ? -5.273 -10.246 -8.047  1.00 42.05 ? 101 PZG A C8    1 
HETATM 315 O O4    . PZG C 2 . ? -6.206 -11.075 -8.702  1.00 37.88 ? 101 PZG A O4    1 
HETATM 316 C C9    . PZG C 2 . ? -5.777 -9.976  -6.577  1.00 42.69 ? 101 PZG A C9    1 
HETATM 317 C C10   . PZG C 2 . ? -5.222 -11.013 -5.617  1.00 47.40 ? 101 PZG A C10   1 
HETATM 318 O O5    . PZG C 2 . ? -3.908 -11.428 -6.044  1.00 54.56 ? 101 PZG A O5    1 
HETATM 319 P P1    . PZG C 2 . ? -3.134 -12.734 -5.611  1.00 51.74 ? 101 PZG A P1    1 
HETATM 320 O O6    . PZG C 2 . ? -3.498 -12.532 -4.069  1.00 65.99 ? 101 PZG A O6    1 
HETATM 321 O O7    . PZG C 2 . ? -1.683 -12.604 -5.789  1.00 65.25 ? 101 PZG A O7    1 
HETATM 322 C C11   . PZG C 2 . ? -3.776 -13.791 -6.540  1.00 58.63 ? 101 PZG A C11   1 
HETATM 323 C C12   . PZG C 2 . ? -3.635 -13.596 -7.857  1.00 56.35 ? 101 PZG A C12   1 
HETATM 324 N N6    . PZG C 2 . ? -4.256 -14.629 -8.440  1.00 65.46 ? 101 PZG A N6    1 
HETATM 325 N N7    . PZG C 2 . ? -4.787 -15.518 -7.395  1.00 59.10 ? 101 PZG A N7    1 
HETATM 326 C C13   . PZG C 2 . ? -4.438 -14.923 -6.238  1.00 60.52 ? 101 PZG A C13   1 
HETATM 327 C C14   . PZG C 2 . ? -4.744 -15.451 -4.819  1.00 60.72 ? 101 PZG A C14   1 
HETATM 328 O O1    . PZG D 2 . ? 2.568  8.972   2.603   1.00 30.61 ? 101 PZG B O1    1 
HETATM 329 C C1    . PZG D 2 . ? 3.289  8.702   3.532   1.00 32.24 ? 101 PZG B C1    1 
HETATM 330 N N1    . PZG D 2 . ? 4.622  8.599   3.209   1.00 31.16 ? 101 PZG B N1    1 
HETATM 331 C C2    . PZG D 2 . ? 5.545  8.397   4.219   1.00 26.52 ? 101 PZG B C2    1 
HETATM 332 N N2    . PZG D 2 . ? 6.792  8.284   3.859   1.00 25.65 ? 101 PZG B N2    1 
HETATM 333 N N3    . PZG D 2 . ? 5.186  8.317   5.503   1.00 24.99 ? 101 PZG B N3    1 
HETATM 334 C C3    . PZG D 2 . ? 3.860  8.385   5.800   1.00 31.98 ? 101 PZG B C3    1 
HETATM 335 C C4    . PZG D 2 . ? 2.897  8.611   4.839   1.00 33.38 ? 101 PZG B C4    1 
HETATM 336 N N4    . PZG D 2 . ? 1.725  8.706   5.460   1.00 29.44 ? 101 PZG B N4    1 
HETATM 337 C C5    . PZG D 2 . ? 1.934  8.508   6.746   1.00 30.47 ? 101 PZG B C5    1 
HETATM 338 N N5    . PZG D 2 . ? 3.250  8.295   6.952   1.00 32.94 ? 101 PZG B N5    1 
HETATM 339 C C6    . PZG D 2 . ? 3.885  8.055   8.254   1.00 35.26 ? 101 PZG B C6    1 
HETATM 340 O O2    . PZG D 2 . ? 2.798  8.348   9.182   1.00 45.18 ? 101 PZG B O2    1 
HETATM 341 C C7    . PZG D 2 . ? 4.960  9.069   8.610   1.00 40.39 ? 101 PZG B C7    1 
HETATM 342 O O3    . PZG D 2 . ? 6.247  8.430   8.605   1.00 36.96 ? 101 PZG B O3    1 
HETATM 343 C C8    . PZG D 2 . ? 4.698  9.363   10.035  1.00 49.76 ? 101 PZG B C8    1 
HETATM 344 O O4    . PZG D 2 . ? 5.499  8.455   10.754  1.00 56.07 ? 101 PZG B O4    1 
HETATM 345 C C9    . PZG D 2 . ? 3.344  8.896   10.391  1.00 50.00 ? 101 PZG B C9    1 
HETATM 346 C C10   . PZG D 2 . ? 2.601  10.036  11.087  1.00 66.29 ? 101 PZG B C10   1 
HETATM 347 O O5    . PZG D 2 . ? 2.346  11.072  10.168  1.00 75.98 ? 101 PZG B O5    1 
HETATM 348 P P1    . PZG D 2 . ? 1.897  12.643  10.512  1.00 76.84 ? 101 PZG B P1    1 
HETATM 349 O O6    . PZG D 2 . ? 1.846  13.094  12.057  1.00 64.57 ? 101 PZG B O6    1 
HETATM 350 O O7    . PZG D 2 . ? 0.555  12.583  9.747   1.00 70.77 ? 101 PZG B O7    1 
HETATM 351 C C11   . PZG D 2 . ? 3.529  13.519  9.939   1.00 69.58 ? 101 PZG B C11   1 
HETATM 352 C C12   . PZG D 2 . ? 4.714  13.182  10.472  1.00 63.89 ? 101 PZG B C12   1 
HETATM 353 N N6    . PZG D 2 . ? 5.638  13.931  9.872   1.00 63.79 ? 101 PZG B N6    1 
HETATM 354 N N7    . PZG D 2 . ? 5.035  14.762  8.971   1.00 59.30 ? 101 PZG B N7    1 
HETATM 355 C C13   . PZG D 2 . ? 3.721  14.497  9.016   1.00 61.66 ? 101 PZG B C13   1 
HETATM 356 C C14   . PZG D 2 . ? 2.623  15.204  8.160   1.00 56.52 ? 101 PZG B C14   1 
HETATM 357 O O     . HOH E 3 . ? 1.448  1.393   -3.085  1.00 53.22 ? 201 HOH A O     1 
HETATM 358 O O     . HOH E 3 . ? -7.731 8.942   9.469   1.00 36.58 ? 202 HOH A O     1 
HETATM 359 O O     . HOH F 3 . ? -0.678 -2.151  7.745   1.00 41.82 ? 201 HOH B O     1 
# 
loop_
_pdbx_poly_seq_scheme.asym_id 
_pdbx_poly_seq_scheme.entity_id 
_pdbx_poly_seq_scheme.seq_id 
_pdbx_poly_seq_scheme.mon_id 
_pdbx_poly_seq_scheme.ndb_seq_num 
_pdbx_poly_seq_scheme.pdb_seq_num 
_pdbx_poly_seq_scheme.auth_seq_num 
_pdbx_poly_seq_scheme.pdb_mon_id 
_pdbx_poly_seq_scheme.auth_mon_id 
_pdbx_poly_seq_scheme.pdb_strand_id 
_pdbx_poly_seq_scheme.pdb_ins_code 
_pdbx_poly_seq_scheme.hetero 
A 1 1 LCC 1 1 1 LCC LCC A . n 
A 1 2 TLN 2 2 2 TLN LCT A . n 
A 1 3 LCG 3 3 3 LCG LCG A . n 
A 1 4 U   4 4 4 U   U   A . n 
A 1 5 A   5 5 5 A   A   A . n 
A 1 6 C   6 6 6 C   C   A . n 
A 1 7 A   7 7 7 A   A   A . n 
B 1 1 LCC 1 1 1 LCC LCC B . n 
B 1 2 TLN 2 2 2 TLN LCT B . n 
B 1 3 LCG 3 3 3 LCG LCG B . n 
B 1 4 U   4 4 4 U   U   B . n 
B 1 5 A   5 5 5 A   A   B . n 
B 1 6 C   6 6 6 C   C   B . n 
B 1 7 A   7 7 7 A   A   B . n 
# 
loop_
_pdbx_nonpoly_scheme.asym_id 
_pdbx_nonpoly_scheme.entity_id 
_pdbx_nonpoly_scheme.mon_id 
_pdbx_nonpoly_scheme.ndb_seq_num 
_pdbx_nonpoly_scheme.pdb_seq_num 
_pdbx_nonpoly_scheme.auth_seq_num 
_pdbx_nonpoly_scheme.pdb_mon_id 
_pdbx_nonpoly_scheme.auth_mon_id 
_pdbx_nonpoly_scheme.pdb_strand_id 
_pdbx_nonpoly_scheme.pdb_ins_code 
C 2 PZG 1 101 2 PZG PZG A . 
D 2 PZG 1 101 1 PZG PZG B . 
E 3 HOH 1 201 1 HOH HOH A . 
E 3 HOH 2 202 2 HOH HOH A . 
F 3 HOH 1 201 3 HOH HOH B . 
# 
_pdbx_struct_assembly.id                   1 
_pdbx_struct_assembly.details              author_defined_assembly 
_pdbx_struct_assembly.method_details       ? 
_pdbx_struct_assembly.oligomeric_details   dimeric 
_pdbx_struct_assembly.oligomeric_count     2 
# 
_pdbx_struct_assembly_gen.assembly_id       1 
_pdbx_struct_assembly_gen.oper_expression   1 
_pdbx_struct_assembly_gen.asym_id_list      A,B,C,D,E,F 
# 
loop_
_pdbx_struct_assembly_prop.biol_id 
_pdbx_struct_assembly_prop.type 
_pdbx_struct_assembly_prop.value 
_pdbx_struct_assembly_prop.details 
1 'ABSA (A^2)' 2670 ? 
1 MORE         15   ? 
1 'SSA (A^2)'  3150 ? 
# 
_pdbx_struct_oper_list.id                   1 
_pdbx_struct_oper_list.type                 'identity operation' 
_pdbx_struct_oper_list.name                 1_555 
_pdbx_struct_oper_list.symmetry_operation   x,y,z 
_pdbx_struct_oper_list.matrix[1][1]         1.0000000000 
_pdbx_struct_oper_list.matrix[1][2]         0.0000000000 
_pdbx_struct_oper_list.matrix[1][3]         0.0000000000 
_pdbx_struct_oper_list.vector[1]            0.0000000000 
_pdbx_struct_oper_list.matrix[2][1]         0.0000000000 
_pdbx_struct_oper_list.matrix[2][2]         1.0000000000 
_pdbx_struct_oper_list.matrix[2][3]         0.0000000000 
_pdbx_struct_oper_list.vector[2]            0.0000000000 
_pdbx_struct_oper_list.matrix[3][1]         0.0000000000 
_pdbx_struct_oper_list.matrix[3][2]         0.0000000000 
_pdbx_struct_oper_list.matrix[3][3]         1.0000000000 
_pdbx_struct_oper_list.vector[3]            0.0000000000 
# 
loop_
_pdbx_audit_revision_history.ordinal 
_pdbx_audit_revision_history.data_content_type 
_pdbx_audit_revision_history.major_revision 
_pdbx_audit_revision_history.minor_revision 
_pdbx_audit_revision_history.revision_date 
1 'Structure model' 1 0 2016-12-07 
2 'Structure model' 1 1 2017-01-18 
3 'Structure model' 1 2 2019-11-20 
4 'Structure model' 1 3 2023-09-27 
# 
_pdbx_audit_revision_details.ordinal             1 
_pdbx_audit_revision_details.revision_ordinal    1 
_pdbx_audit_revision_details.data_content_type   'Structure model' 
_pdbx_audit_revision_details.provider            repository 
_pdbx_audit_revision_details.type                'Initial release' 
_pdbx_audit_revision_details.description         ? 
_pdbx_audit_revision_details.details             ? 
# 
loop_
_pdbx_audit_revision_group.ordinal 
_pdbx_audit_revision_group.revision_ordinal 
_pdbx_audit_revision_group.data_content_type 
_pdbx_audit_revision_group.group 
1 2 'Structure model' 'Database references'        
2 3 'Structure model' 'Author supporting evidence' 
3 4 'Structure model' 'Data collection'            
4 4 'Structure model' 'Database references'        
5 4 'Structure model' 'Refinement description'     
# 
loop_
_pdbx_audit_revision_category.ordinal 
_pdbx_audit_revision_category.revision_ordinal 
_pdbx_audit_revision_category.data_content_type 
_pdbx_audit_revision_category.category 
1 3 'Structure model' pdbx_audit_support            
2 4 'Structure model' chem_comp_atom                
3 4 'Structure model' chem_comp_bond                
4 4 'Structure model' database_2                    
5 4 'Structure model' pdbx_initial_refinement_model 
# 
loop_
_pdbx_audit_revision_item.ordinal 
_pdbx_audit_revision_item.revision_ordinal 
_pdbx_audit_revision_item.data_content_type 
_pdbx_audit_revision_item.item 
1 3 'Structure model' '_pdbx_audit_support.funding_organization' 
2 4 'Structure model' '_database_2.pdbx_DOI'                     
3 4 'Structure model' '_database_2.pdbx_database_accession'      
# 
loop_
_software.citation_id 
_software.classification 
_software.compiler_name 
_software.compiler_version 
_software.contact_author 
_software.contact_author_email 
_software.date 
_software.description 
_software.dependencies 
_software.hardware 
_software.language 
_software.location 
_software.mods 
_software.name 
_software.os 
_software.os_version 
_software.type 
_software.version 
_software.pdbx_ordinal 
? refinement       ? ? ? ? ? ? ? ? ? ? ? REFMAC   ? ? ? 5.8.0049 1 
? 'data reduction' ? ? ? ? ? ? ? ? ? ? ? HKL-2000 ? ? ? .        2 
? 'data scaling'   ? ? ? ? ? ? ? ? ? ? ? HKL-2000 ? ? ? .        3 
? phasing          ? ? ? ? ? ? ? ? ? ? ? PHASER   ? ? ? .        4 
# 
loop_
_pdbx_validate_rmsd_bond.id 
_pdbx_validate_rmsd_bond.PDB_model_num 
_pdbx_validate_rmsd_bond.auth_atom_id_1 
_pdbx_validate_rmsd_bond.auth_asym_id_1 
_pdbx_validate_rmsd_bond.auth_comp_id_1 
_pdbx_validate_rmsd_bond.auth_seq_id_1 
_pdbx_validate_rmsd_bond.PDB_ins_code_1 
_pdbx_validate_rmsd_bond.label_alt_id_1 
_pdbx_validate_rmsd_bond.auth_atom_id_2 
_pdbx_validate_rmsd_bond.auth_asym_id_2 
_pdbx_validate_rmsd_bond.auth_comp_id_2 
_pdbx_validate_rmsd_bond.auth_seq_id_2 
_pdbx_validate_rmsd_bond.PDB_ins_code_2 
_pdbx_validate_rmsd_bond.label_alt_id_2 
_pdbx_validate_rmsd_bond.bond_value 
_pdbx_validate_rmsd_bond.bond_target_value 
_pdbx_validate_rmsd_bond.bond_deviation 
_pdbx_validate_rmsd_bond.bond_standard_deviation 
_pdbx_validate_rmsd_bond.linker_flag 
1 1 "O3'" A TLN 2 ? ? P A LCG 3 ? ? 1.681 1.607 0.074  0.012 Y 
2 1 "O3'" A C   6 ? ? P A A   7 ? ? 1.529 1.607 -0.078 0.012 Y 
# 
loop_
_pdbx_validate_rmsd_angle.id 
_pdbx_validate_rmsd_angle.PDB_model_num 
_pdbx_validate_rmsd_angle.auth_atom_id_1 
_pdbx_validate_rmsd_angle.auth_asym_id_1 
_pdbx_validate_rmsd_angle.auth_comp_id_1 
_pdbx_validate_rmsd_angle.auth_seq_id_1 
_pdbx_validate_rmsd_angle.PDB_ins_code_1 
_pdbx_validate_rmsd_angle.label_alt_id_1 
_pdbx_validate_rmsd_angle.auth_atom_id_2 
_pdbx_validate_rmsd_angle.auth_asym_id_2 
_pdbx_validate_rmsd_angle.auth_comp_id_2 
_pdbx_validate_rmsd_angle.auth_seq_id_2 
_pdbx_validate_rmsd_angle.PDB_ins_code_2 
_pdbx_validate_rmsd_angle.label_alt_id_2 
_pdbx_validate_rmsd_angle.auth_atom_id_3 
_pdbx_validate_rmsd_angle.auth_asym_id_3 
_pdbx_validate_rmsd_angle.auth_comp_id_3 
_pdbx_validate_rmsd_angle.auth_seq_id_3 
_pdbx_validate_rmsd_angle.PDB_ins_code_3 
_pdbx_validate_rmsd_angle.label_alt_id_3 
_pdbx_validate_rmsd_angle.angle_value 
_pdbx_validate_rmsd_angle.angle_target_value 
_pdbx_validate_rmsd_angle.angle_deviation 
_pdbx_validate_rmsd_angle.angle_standard_deviation 
_pdbx_validate_rmsd_angle.linker_flag 
1  1 "C3'" A LCC 1 ? ? "O3'" A LCC 1 ? ? P     A TLN 2 ? ? 127.41 119.70 7.71   1.20 Y 
2  1 "O3'" A TLN 2 ? ? P     A LCG 3 ? ? "O5'" A LCG 3 ? ? 91.26  104.00 -12.74 1.90 Y 
3  1 "C3'" A LCG 3 ? ? "O3'" A LCG 3 ? ? P     A U   4 ? ? 127.68 119.70 7.98   1.20 Y 
4  1 "C3'" B LCC 1 ? ? "O3'" B LCC 1 ? ? P     B TLN 2 ? ? 142.09 119.70 22.39  1.20 Y 
5  1 "O3'" B LCC 1 ? ? P     B TLN 2 ? ? "O5'" B TLN 2 ? ? 85.04  104.00 -18.96 1.90 Y 
6  1 "O3'" B LCC 1 ? ? P     B TLN 2 ? ? OP2   B TLN 2 ? ? 117.34 110.50 6.84   1.10 Y 
7  1 "O3'" B TLN 2 ? ? P     B LCG 3 ? ? "O5'" B LCG 3 ? ? 82.92  104.00 -21.08 1.90 Y 
8  1 "O3'" B TLN 2 ? ? P     B LCG 3 ? ? OP2   B LCG 3 ? ? 129.04 110.50 18.54  1.10 Y 
9  1 "O3'" B LCG 3 ? ? P     B U   4 ? ? OP2   B U   4 ? ? 129.20 110.50 18.70  1.10 Y 
10 1 "O3'" B LCG 3 ? ? P     B U   4 ? ? OP1   B U   4 ? ? 86.60  105.20 -18.60 2.20 Y 
11 1 "O5'" B A   7 ? ? P     B A   7 ? ? OP2   B A   7 ? ? 99.25  105.70 -6.45  0.90 N 
# 
loop_
_chem_comp_atom.comp_id 
_chem_comp_atom.atom_id 
_chem_comp_atom.type_symbol 
_chem_comp_atom.pdbx_aromatic_flag 
_chem_comp_atom.pdbx_stereo_config 
_chem_comp_atom.pdbx_ordinal 
A   OP3    O N N 1   
A   P      P N N 2   
A   OP1    O N N 3   
A   OP2    O N N 4   
A   "O5'"  O N N 5   
A   "C5'"  C N N 6   
A   "C4'"  C N R 7   
A   "O4'"  O N N 8   
A   "C3'"  C N S 9   
A   "O3'"  O N N 10  
A   "C2'"  C N R 11  
A   "O2'"  O N N 12  
A   "C1'"  C N R 13  
A   N9     N Y N 14  
A   C8     C Y N 15  
A   N7     N Y N 16  
A   C5     C Y N 17  
A   C6     C Y N 18  
A   N6     N N N 19  
A   N1     N Y N 20  
A   C2     C Y N 21  
A   N3     N Y N 22  
A   C4     C Y N 23  
A   HOP3   H N N 24  
A   HOP2   H N N 25  
A   "H5'"  H N N 26  
A   "H5''" H N N 27  
A   "H4'"  H N N 28  
A   "H3'"  H N N 29  
A   "HO3'" H N N 30  
A   "H2'"  H N N 31  
A   "HO2'" H N N 32  
A   "H1'"  H N N 33  
A   H8     H N N 34  
A   H61    H N N 35  
A   H62    H N N 36  
A   H2     H N N 37  
C   OP3    O N N 38  
C   P      P N N 39  
C   OP1    O N N 40  
C   OP2    O N N 41  
C   "O5'"  O N N 42  
C   "C5'"  C N N 43  
C   "C4'"  C N R 44  
C   "O4'"  O N N 45  
C   "C3'"  C N S 46  
C   "O3'"  O N N 47  
C   "C2'"  C N R 48  
C   "O2'"  O N N 49  
C   "C1'"  C N R 50  
C   N1     N N N 51  
C   C2     C N N 52  
C   O2     O N N 53  
C   N3     N N N 54  
C   C4     C N N 55  
C   N4     N N N 56  
C   C5     C N N 57  
C   C6     C N N 58  
C   HOP3   H N N 59  
C   HOP2   H N N 60  
C   "H5'"  H N N 61  
C   "H5''" H N N 62  
C   "H4'"  H N N 63  
C   "H3'"  H N N 64  
C   "HO3'" H N N 65  
C   "H2'"  H N N 66  
C   "HO2'" H N N 67  
C   "H1'"  H N N 68  
C   H41    H N N 69  
C   H42    H N N 70  
C   H5     H N N 71  
C   H6     H N N 72  
HOH O      O N N 73  
HOH H1     H N N 74  
HOH H2     H N N 75  
LCC "O5'"  O N N 76  
LCC "C5'"  C N N 77  
LCC "C4'"  C N R 78  
LCC "O4'"  O N N 79  
LCC "C1'"  C N R 80  
LCC N1     N N N 81  
LCC C6     C N N 82  
LCC C5     C N N 83  
LCC C5M    C N N 84  
LCC C4     C N N 85  
LCC N4     N N N 86  
LCC N3     N N N 87  
LCC C2     C N N 88  
LCC O2     O N N 89  
LCC "C3'"  C N S 90  
LCC "C2'"  C N R 91  
LCC "O2'"  O N N 92  
LCC "O3'"  O N N 93  
LCC "C6'"  C N N 94  
LCC P      P N N 95  
LCC O1P    O N N 96  
LCC O2P    O N N 97  
LCC OXT    O N N 98  
LCC "H5'1" H N N 99  
LCC "H5'2" H N N 100 
LCC "H1'"  H N N 101 
LCC H6     H N N 102 
LCC H5M1   H N N 103 
LCC H5M2   H N N 104 
LCC H5M3   H N N 105 
LCC H41    H N N 106 
LCC H42    H N N 107 
LCC "H3'"  H N N 108 
LCC "H2'1" H N N 109 
LCC H3T    H N N 110 
LCC "H6'1" H N N 111 
LCC "H6'2" H N N 112 
LCC H1P    H N N 113 
LCC HXT    H N N 114 
LCG P      P N N 115 
LCG OP1    O N N 116 
LCG "O5'"  O N N 117 
LCG "C5'"  C N N 118 
LCG "C3'"  C N S 119 
LCG "C6'"  C N N 120 
LCG N9     N Y N 121 
LCG C8     C Y N 122 
LCG C4     C Y N 123 
LCG N7     N Y N 124 
LCG C5     C Y N 125 
LCG C6     C N N 126 
LCG "C2'"  C N R 127 
LCG O6     O N N 128 
LCG "C4'"  C N R 129 
LCG "C1'"  C N R 130 
LCG C2     C N N 131 
LCG N1     N N N 132 
LCG "O4'"  O N N 133 
LCG OP2    O N N 134 
LCG N2     N N N 135 
LCG N3     N N N 136 
LCG "O2'"  O N N 137 
LCG "O3'"  O N N 138 
LCG OP3    O N N 139 
LCG "H5'"  H N N 140 
LCG "H5''" H N N 141 
LCG "H3'"  H N N 142 
LCG "H6'1" H N N 143 
LCG "H6'2" H N N 144 
LCG H8     H N N 145 
LCG "H2'"  H N N 146 
LCG "H1'"  H N N 147 
LCG H1     H N N 148 
LCG HOP2   H N N 149 
LCG H21    H N N 150 
LCG H22    H N N 151 
LCG "HO3'" H N N 152 
LCG HOP3   H N N 153 
PZG O1     O N N 154 
PZG C1     C N N 155 
PZG N1     N N N 156 
PZG C2     C N N 157 
PZG N2     N N N 158 
PZG N3     N N N 159 
PZG C3     C Y N 160 
PZG C4     C Y N 161 
PZG N4     N Y N 162 
PZG C5     C Y N 163 
PZG N5     N Y N 164 
PZG C6     C N R 165 
PZG O2     O N N 166 
PZG C7     C N R 167 
PZG O3     O N N 168 
PZG C8     C N S 169 
PZG O4     O N N 170 
PZG C9     C N R 171 
PZG C10    C N N 172 
PZG O5     O N N 173 
PZG P1     P N N 174 
PZG O6     O N N 175 
PZG O7     O N N 176 
PZG C11    C Y N 177 
PZG C12    C Y N 178 
PZG N6     N Y N 179 
PZG N7     N Y N 180 
PZG C13    C Y N 181 
PZG C14    C N N 182 
PZG H1     H N N 183 
PZG H2     H N N 184 
PZG H3     H N N 185 
PZG H4     H N N 186 
PZG H5     H N N 187 
PZG H6     H N N 188 
PZG H7     H N N 189 
PZG H8     H N N 190 
PZG H9     H N N 191 
PZG H10    H N N 192 
PZG H11    H N N 193 
PZG H12    H N N 194 
PZG H13    H N N 195 
PZG H14    H N N 196 
PZG H15    H N N 197 
PZG H16    H N N 198 
PZG H17    H N N 199 
PZG H18    H N N 200 
TLN P      P N N 201 
TLN OP1    O N N 202 
TLN OP2    O N N 203 
TLN OP3    O N N 204 
TLN "O5'"  O N N 205 
TLN "C5'"  C N N 206 
TLN "C4'"  C N R 207 
TLN "O4'"  O N N 208 
TLN "C1'"  C N R 209 
TLN N1     N N N 210 
TLN C6     C N N 211 
TLN C5     C N N 212 
TLN C5M    C N N 213 
TLN C4     C N N 214 
TLN O4     O N N 215 
TLN N3     N N N 216 
TLN C2     C N N 217 
TLN O2     O N N 218 
TLN "C3'"  C N S 219 
TLN "C2'"  C N R 220 
TLN "O2'"  O N N 221 
TLN "O3'"  O N N 222 
TLN "C6'"  C N N 223 
TLN HOP2   H N N 224 
TLN HOP3   H N N 225 
TLN "H5'"  H N N 226 
TLN "H5''" H N N 227 
TLN "H1'"  H N N 228 
TLN H6     H N N 229 
TLN H71    H N N 230 
TLN H72    H N N 231 
TLN H73    H N N 232 
TLN H3     H N N 233 
TLN "H3'"  H N N 234 
TLN "H2'"  H N N 235 
TLN "HO3'" H N N 236 
TLN "H6'1" H N N 237 
TLN "H6'2" H N N 238 
U   OP3    O N N 239 
U   P      P N N 240 
U   OP1    O N N 241 
U   OP2    O N N 242 
U   "O5'"  O N N 243 
U   "C5'"  C N N 244 
U   "C4'"  C N R 245 
U   "O4'"  O N N 246 
U   "C3'"  C N S 247 
U   "O3'"  O N N 248 
U   "C2'"  C N R 249 
U   "O2'"  O N N 250 
U   "C1'"  C N R 251 
U   N1     N N N 252 
U   C2     C N N 253 
U   O2     O N N 254 
U   N3     N N N 255 
U   C4     C N N 256 
U   O4     O N N 257 
U   C5     C N N 258 
U   C6     C N N 259 
U   HOP3   H N N 260 
U   HOP2   H N N 261 
U   "H5'"  H N N 262 
U   "H5''" H N N 263 
U   "H4'"  H N N 264 
U   "H3'"  H N N 265 
U   "HO3'" H N N 266 
U   "H2'"  H N N 267 
U   "HO2'" H N N 268 
U   "H1'"  H N N 269 
U   H3     H N N 270 
U   H5     H N N 271 
U   H6     H N N 272 
# 
loop_
_chem_comp_bond.comp_id 
_chem_comp_bond.atom_id_1 
_chem_comp_bond.atom_id_2 
_chem_comp_bond.value_order 
_chem_comp_bond.pdbx_aromatic_flag 
_chem_comp_bond.pdbx_stereo_config 
_chem_comp_bond.pdbx_ordinal 
A   OP3   P      sing N N 1   
A   OP3   HOP3   sing N N 2   
A   P     OP1    doub N N 3   
A   P     OP2    sing N N 4   
A   P     "O5'"  sing N N 5   
A   OP2   HOP2   sing N N 6   
A   "O5'" "C5'"  sing N N 7   
A   "C5'" "C4'"  sing N N 8   
A   "C5'" "H5'"  sing N N 9   
A   "C5'" "H5''" sing N N 10  
A   "C4'" "O4'"  sing N N 11  
A   "C4'" "C3'"  sing N N 12  
A   "C4'" "H4'"  sing N N 13  
A   "O4'" "C1'"  sing N N 14  
A   "C3'" "O3'"  sing N N 15  
A   "C3'" "C2'"  sing N N 16  
A   "C3'" "H3'"  sing N N 17  
A   "O3'" "HO3'" sing N N 18  
A   "C2'" "O2'"  sing N N 19  
A   "C2'" "C1'"  sing N N 20  
A   "C2'" "H2'"  sing N N 21  
A   "O2'" "HO2'" sing N N 22  
A   "C1'" N9     sing N N 23  
A   "C1'" "H1'"  sing N N 24  
A   N9    C8     sing Y N 25  
A   N9    C4     sing Y N 26  
A   C8    N7     doub Y N 27  
A   C8    H8     sing N N 28  
A   N7    C5     sing Y N 29  
A   C5    C6     sing Y N 30  
A   C5    C4     doub Y N 31  
A   C6    N6     sing N N 32  
A   C6    N1     doub Y N 33  
A   N6    H61    sing N N 34  
A   N6    H62    sing N N 35  
A   N1    C2     sing Y N 36  
A   C2    N3     doub Y N 37  
A   C2    H2     sing N N 38  
A   N3    C4     sing Y N 39  
C   OP3   P      sing N N 40  
C   OP3   HOP3   sing N N 41  
C   P     OP1    doub N N 42  
C   P     OP2    sing N N 43  
C   P     "O5'"  sing N N 44  
C   OP2   HOP2   sing N N 45  
C   "O5'" "C5'"  sing N N 46  
C   "C5'" "C4'"  sing N N 47  
C   "C5'" "H5'"  sing N N 48  
C   "C5'" "H5''" sing N N 49  
C   "C4'" "O4'"  sing N N 50  
C   "C4'" "C3'"  sing N N 51  
C   "C4'" "H4'"  sing N N 52  
C   "O4'" "C1'"  sing N N 53  
C   "C3'" "O3'"  sing N N 54  
C   "C3'" "C2'"  sing N N 55  
C   "C3'" "H3'"  sing N N 56  
C   "O3'" "HO3'" sing N N 57  
C   "C2'" "O2'"  sing N N 58  
C   "C2'" "C1'"  sing N N 59  
C   "C2'" "H2'"  sing N N 60  
C   "O2'" "HO2'" sing N N 61  
C   "C1'" N1     sing N N 62  
C   "C1'" "H1'"  sing N N 63  
C   N1    C2     sing N N 64  
C   N1    C6     sing N N 65  
C   C2    O2     doub N N 66  
C   C2    N3     sing N N 67  
C   N3    C4     doub N N 68  
C   C4    N4     sing N N 69  
C   C4    C5     sing N N 70  
C   N4    H41    sing N N 71  
C   N4    H42    sing N N 72  
C   C5    C6     doub N N 73  
C   C5    H5     sing N N 74  
C   C6    H6     sing N N 75  
HOH O     H1     sing N N 76  
HOH O     H2     sing N N 77  
LCC "O5'" "C5'"  sing N N 78  
LCC "O5'" P      sing N N 79  
LCC "C5'" "C4'"  sing N N 80  
LCC "C5'" "H5'1" sing N N 81  
LCC "C5'" "H5'2" sing N N 82  
LCC "C4'" "O4'"  sing N N 83  
LCC "C4'" "C3'"  sing N N 84  
LCC "C4'" "C6'"  sing N N 85  
LCC "O4'" "C1'"  sing N N 86  
LCC "C1'" N1     sing N N 87  
LCC "C1'" "C2'"  sing N N 88  
LCC "C1'" "H1'"  sing N N 89  
LCC N1    C6     sing N N 90  
LCC N1    C2     sing N N 91  
LCC C6    C5     doub N N 92  
LCC C6    H6     sing N N 93  
LCC C5    C5M    sing N N 94  
LCC C5    C4     sing N N 95  
LCC C5M   H5M1   sing N N 96  
LCC C5M   H5M2   sing N N 97  
LCC C5M   H5M3   sing N N 98  
LCC C4    N4     sing N N 99  
LCC C4    N3     doub N N 100 
LCC N4    H41    sing N N 101 
LCC N4    H42    sing N N 102 
LCC N3    C2     sing N N 103 
LCC C2    O2     doub N N 104 
LCC "C3'" "C2'"  sing N N 105 
LCC "C3'" "O3'"  sing N N 106 
LCC "C3'" "H3'"  sing N N 107 
LCC "C2'" "O2'"  sing N N 108 
LCC "C2'" "H2'1" sing N N 109 
LCC "O2'" "C6'"  sing N N 110 
LCC "O3'" H3T    sing N N 111 
LCC "C6'" "H6'1" sing N N 112 
LCC "C6'" "H6'2" sing N N 113 
LCC P     O1P    sing N N 114 
LCC P     O2P    doub N N 115 
LCC P     OXT    sing N N 116 
LCC O1P   H1P    sing N N 117 
LCC OXT   HXT    sing N N 118 
LCG P     OP1    doub N N 119 
LCG P     "O5'"  sing N N 120 
LCG P     OP2    sing N N 121 
LCG P     OP3    sing N N 122 
LCG "O5'" "C5'"  sing N N 123 
LCG "C5'" "C4'"  sing N N 124 
LCG "C5'" "H5'"  sing N N 125 
LCG "C5'" "H5''" sing N N 126 
LCG "C3'" "C2'"  sing N N 127 
LCG "C3'" "C4'"  sing N N 128 
LCG "C3'" "O3'"  sing N N 129 
LCG "C3'" "H3'"  sing N N 130 
LCG "C6'" "C4'"  sing N N 131 
LCG "C6'" "O2'"  sing N N 132 
LCG "C6'" "H6'1" sing N N 133 
LCG "C6'" "H6'2" sing N N 134 
LCG N9    C8     sing Y N 135 
LCG N9    C4     sing Y N 136 
LCG N9    "C1'"  sing N N 137 
LCG C8    N7     doub Y N 138 
LCG C8    H8     sing N N 139 
LCG C4    C5     doub Y N 140 
LCG C4    N3     sing N N 141 
LCG N7    C5     sing Y N 142 
LCG C5    C6     sing N N 143 
LCG C6    O6     doub N N 144 
LCG C6    N1     sing N N 145 
LCG "C2'" "C1'"  sing N N 146 
LCG "C2'" "O2'"  sing N N 147 
LCG "C2'" "H2'"  sing N N 148 
LCG "C4'" "O4'"  sing N N 149 
LCG "C1'" "O4'"  sing N N 150 
LCG "C1'" "H1'"  sing N N 151 
LCG C2    N1     sing N N 152 
LCG C2    N2     sing N N 153 
LCG C2    N3     doub N N 154 
LCG N1    H1     sing N N 155 
LCG OP2   HOP2   sing N N 156 
LCG N2    H21    sing N N 157 
LCG N2    H22    sing N N 158 
LCG "O3'" "HO3'" sing N N 159 
LCG OP3   HOP3   sing N N 160 
PZG O4    C8     sing N N 161 
PZG C8    C9     sing N N 162 
PZG C8    C7     sing N N 163 
PZG C9    C10    sing N N 164 
PZG C9    O2     sing N N 165 
PZG C10   O5     sing N N 166 
PZG O3    C7     sing N N 167 
PZG O6    P1     doub N N 168 
PZG C12   N6     sing Y N 169 
PZG C12   C11    doub Y N 170 
PZG C7    C6     sing N N 171 
PZG N6    N7     sing Y N 172 
PZG O2    C6     sing N N 173 
PZG O5    P1     sing N N 174 
PZG C6    N5     sing N N 175 
PZG P1    C11    sing N N 176 
PZG P1    O7     sing N N 177 
PZG C11   C13    sing Y N 178 
PZG N7    C13    doub Y N 179 
PZG C13   C14    sing N N 180 
PZG N5    C3     sing Y N 181 
PZG N5    C5     sing Y N 182 
PZG N3    C3     sing N N 183 
PZG N3    C2     doub N N 184 
PZG C3    C4     doub Y N 185 
PZG C5    N4     doub Y N 186 
PZG N2    C2     sing N N 187 
PZG C2    N1     sing N N 188 
PZG C4    N4     sing Y N 189 
PZG C4    C1     sing N N 190 
PZG N1    C1     sing N N 191 
PZG C1    O1     doub N N 192 
PZG N1    H1     sing N N 193 
PZG N2    H2     sing N N 194 
PZG N2    H3     sing N N 195 
PZG C5    H4     sing N N 196 
PZG C6    H5     sing N N 197 
PZG C7    H6     sing N N 198 
PZG O3    H7     sing N N 199 
PZG C8    H8     sing N N 200 
PZG O4    H9     sing N N 201 
PZG C9    H10    sing N N 202 
PZG C10   H11    sing N N 203 
PZG C10   H12    sing N N 204 
PZG O7    H13    sing N N 205 
PZG C12   H14    sing N N 206 
PZG N6    H15    sing N N 207 
PZG C14   H16    sing N N 208 
PZG C14   H17    sing N N 209 
PZG C14   H18    sing N N 210 
TLN P     OP1    doub N N 211 
TLN P     OP2    sing N N 212 
TLN P     OP3    sing N N 213 
TLN P     "O5'"  sing N N 214 
TLN OP2   HOP2   sing N N 215 
TLN OP3   HOP3   sing N N 216 
TLN "O5'" "C5'"  sing N N 217 
TLN "C5'" "C4'"  sing N N 218 
TLN "C5'" "H5'"  sing N N 219 
TLN "C5'" "H5''" sing N N 220 
TLN "C4'" "O4'"  sing N N 221 
TLN "C4'" "C3'"  sing N N 222 
TLN "C4'" "C6'"  sing N N 223 
TLN "O4'" "C1'"  sing N N 224 
TLN "C1'" N1     sing N N 225 
TLN "C1'" "C2'"  sing N N 226 
TLN "C1'" "H1'"  sing N N 227 
TLN N1    C6     sing N N 228 
TLN N1    C2     sing N N 229 
TLN C6    C5     doub N N 230 
TLN C6    H6     sing N N 231 
TLN C5    C5M    sing N N 232 
TLN C5    C4     sing N N 233 
TLN C5M   H71    sing N N 234 
TLN C5M   H72    sing N N 235 
TLN C5M   H73    sing N N 236 
TLN C4    O4     doub N N 237 
TLN C4    N3     sing N N 238 
TLN N3    C2     sing N N 239 
TLN N3    H3     sing N N 240 
TLN C2    O2     doub N N 241 
TLN "C3'" "C2'"  sing N N 242 
TLN "C3'" "O3'"  sing N N 243 
TLN "C3'" "H3'"  sing N N 244 
TLN "C2'" "O2'"  sing N N 245 
TLN "C2'" "H2'"  sing N N 246 
TLN "O2'" "C6'"  sing N N 247 
TLN "O3'" "HO3'" sing N N 248 
TLN "C6'" "H6'1" sing N N 249 
TLN "C6'" "H6'2" sing N N 250 
U   OP3   P      sing N N 251 
U   OP3   HOP3   sing N N 252 
U   P     OP1    doub N N 253 
U   P     OP2    sing N N 254 
U   P     "O5'"  sing N N 255 
U   OP2   HOP2   sing N N 256 
U   "O5'" "C5'"  sing N N 257 
U   "C5'" "C4'"  sing N N 258 
U   "C5'" "H5'"  sing N N 259 
U   "C5'" "H5''" sing N N 260 
U   "C4'" "O4'"  sing N N 261 
U   "C4'" "C3'"  sing N N 262 
U   "C4'" "H4'"  sing N N 263 
U   "O4'" "C1'"  sing N N 264 
U   "C3'" "O3'"  sing N N 265 
U   "C3'" "C2'"  sing N N 266 
U   "C3'" "H3'"  sing N N 267 
U   "O3'" "HO3'" sing N N 268 
U   "C2'" "O2'"  sing N N 269 
U   "C2'" "C1'"  sing N N 270 
U   "C2'" "H2'"  sing N N 271 
U   "O2'" "HO2'" sing N N 272 
U   "C1'" N1     sing N N 273 
U   "C1'" "H1'"  sing N N 274 
U   N1    C2     sing N N 275 
U   N1    C6     sing N N 276 
U   C2    O2     doub N N 277 
U   C2    N3     sing N N 278 
U   N3    C4     sing N N 279 
U   N3    H3     sing N N 280 
U   C4    O4     doub N N 281 
U   C4    C5     sing N N 282 
U   C5    C6     doub N N 283 
U   C5    H5     sing N N 284 
U   C6    H6     sing N N 285 
# 
_ndb_struct_conf_na.entry_id   5HBW 
_ndb_struct_conf_na.feature    'a-form double helix' 
# 
loop_
_ndb_struct_na_base_pair.model_number 
_ndb_struct_na_base_pair.i_label_asym_id 
_ndb_struct_na_base_pair.i_label_comp_id 
_ndb_struct_na_base_pair.i_label_seq_id 
_ndb_struct_na_base_pair.i_symmetry 
_ndb_struct_na_base_pair.j_label_asym_id 
_ndb_struct_na_base_pair.j_label_comp_id 
_ndb_struct_na_base_pair.j_label_seq_id 
_ndb_struct_na_base_pair.j_symmetry 
_ndb_struct_na_base_pair.shear 
_ndb_struct_na_base_pair.stretch 
_ndb_struct_na_base_pair.stagger 
_ndb_struct_na_base_pair.buckle 
_ndb_struct_na_base_pair.propeller 
_ndb_struct_na_base_pair.opening 
_ndb_struct_na_base_pair.pair_number 
_ndb_struct_na_base_pair.pair_name 
_ndb_struct_na_base_pair.i_auth_asym_id 
_ndb_struct_na_base_pair.i_auth_seq_id 
_ndb_struct_na_base_pair.i_PDB_ins_code 
_ndb_struct_na_base_pair.j_auth_asym_id 
_ndb_struct_na_base_pair.j_auth_seq_id 
_ndb_struct_na_base_pair.j_PDB_ins_code 
_ndb_struct_na_base_pair.hbond_type_28 
_ndb_struct_na_base_pair.hbond_type_12 
1 A TLN 2 1_555 B A   7 1_555 -0.079 -0.065 0.143  -2.521 -10.003 3.393  1 A_TLN2:A7_B A 2 ? B 7 ? 20 1 
1 A LCG 3 1_555 B C   6 1_555 -0.411 -0.131 -0.032 -4.333 -16.933 0.480  2 A_LCG3:C6_B A 3 ? B 6 ? 19 1 
1 A U   4 1_555 B A   5 1_555 0.084  -0.155 0.224  -4.909 -16.471 -0.481 3 A_U4:A5_B   A 4 ? B 5 ? 20 1 
1 A A   5 1_555 B U   4 1_555 0.013  -0.154 -0.015 1.198  -10.587 0.973  4 A_A5:U4_B   A 5 ? B 4 ? 20 1 
1 A C   6 1_555 B LCG 3 1_555 0.413  -0.269 -0.075 7.750  -16.725 -2.129 5 A_C6:LCG3_B A 6 ? B 3 ? 19 1 
1 A A   7 1_555 B TLN 2 1_555 0.045  0.009  -0.046 4.373  -13.206 1.929  6 A_A7:TLN2_B A 7 ? B 2 ? 20 1 
# 
loop_
_ndb_struct_na_base_pair_step.model_number 
_ndb_struct_na_base_pair_step.i_label_asym_id_1 
_ndb_struct_na_base_pair_step.i_label_comp_id_1 
_ndb_struct_na_base_pair_step.i_label_seq_id_1 
_ndb_struct_na_base_pair_step.i_symmetry_1 
_ndb_struct_na_base_pair_step.j_label_asym_id_1 
_ndb_struct_na_base_pair_step.j_label_comp_id_1 
_ndb_struct_na_base_pair_step.j_label_seq_id_1 
_ndb_struct_na_base_pair_step.j_symmetry_1 
_ndb_struct_na_base_pair_step.i_label_asym_id_2 
_ndb_struct_na_base_pair_step.i_label_comp_id_2 
_ndb_struct_na_base_pair_step.i_label_seq_id_2 
_ndb_struct_na_base_pair_step.i_symmetry_2 
_ndb_struct_na_base_pair_step.j_label_asym_id_2 
_ndb_struct_na_base_pair_step.j_label_comp_id_2 
_ndb_struct_na_base_pair_step.j_label_seq_id_2 
_ndb_struct_na_base_pair_step.j_symmetry_2 
_ndb_struct_na_base_pair_step.shift 
_ndb_struct_na_base_pair_step.slide 
_ndb_struct_na_base_pair_step.rise 
_ndb_struct_na_base_pair_step.tilt 
_ndb_struct_na_base_pair_step.roll 
_ndb_struct_na_base_pair_step.twist 
_ndb_struct_na_base_pair_step.x_displacement 
_ndb_struct_na_base_pair_step.y_displacement 
_ndb_struct_na_base_pair_step.helical_rise 
_ndb_struct_na_base_pair_step.inclination 
_ndb_struct_na_base_pair_step.tip 
_ndb_struct_na_base_pair_step.helical_twist 
_ndb_struct_na_base_pair_step.step_number 
_ndb_struct_na_base_pair_step.step_name 
_ndb_struct_na_base_pair_step.i_auth_asym_id_1 
_ndb_struct_na_base_pair_step.i_auth_seq_id_1 
_ndb_struct_na_base_pair_step.i_PDB_ins_code_1 
_ndb_struct_na_base_pair_step.j_auth_asym_id_1 
_ndb_struct_na_base_pair_step.j_auth_seq_id_1 
_ndb_struct_na_base_pair_step.j_PDB_ins_code_1 
_ndb_struct_na_base_pair_step.i_auth_asym_id_2 
_ndb_struct_na_base_pair_step.i_auth_seq_id_2 
_ndb_struct_na_base_pair_step.i_PDB_ins_code_2 
_ndb_struct_na_base_pair_step.j_auth_asym_id_2 
_ndb_struct_na_base_pair_step.j_auth_seq_id_2 
_ndb_struct_na_base_pair_step.j_PDB_ins_code_2 
1 A TLN 2 1_555 B A   7 1_555 A LCG 3 1_555 B C   6 1_555 -0.223 -1.871 3.221 0.271  8.970  27.102 -5.630 0.507 2.484 18.509 
-0.560 28.523 1 AA_TLN2LCG3:C6A7_BB A 2 ? B 7 ? A 3 ? B 6 ? 
1 A LCG 3 1_555 B C   6 1_555 A U   4 1_555 B A   5 1_555 -0.322 -1.438 3.259 -3.361 5.140  34.347 -3.156 0.043 3.036 8.619  5.636 
34.876 2 AA_LCG3U4:A5C6_BB   A 3 ? B 6 ? A 4 ? B 5 ? 
1 A U   4 1_555 B A   5 1_555 A A   5 1_555 B U   4 1_555 -0.231 -1.250 3.040 0.657  6.576  31.866 -3.256 0.515 2.729 11.819 
-1.181 32.527 3 AA_U4A5:U4A5_BB     A 4 ? B 5 ? A 5 ? B 4 ? 
1 A A   5 1_555 B U   4 1_555 A C   6 1_555 B LCG 3 1_555 -0.136 -0.931 3.087 0.660  8.112  33.142 -2.761 0.327 2.785 13.961 
-1.135 34.100 4 AA_A5C6:LCG3U4_BB   A 5 ? B 4 ? A 6 ? B 3 ? 
1 A C   6 1_555 B LCG 3 1_555 A A   7 1_555 B TLN 2 1_555 -0.091 -1.530 3.311 -0.440 14.636 28.272 -5.223 0.094 2.265 27.735 0.834 
31.770 5 AA_C6A7:TLN2LCG3_BB A 6 ? B 3 ? A 7 ? B 2 ? 
# 
_pdbx_audit_support.funding_organization   'Howard Hughes Medical Institute (HHMI)' 
_pdbx_audit_support.country                'United States' 
_pdbx_audit_support.grant_number           ? 
_pdbx_audit_support.ordinal                1 
# 
loop_
_pdbx_entity_nonpoly.entity_id 
_pdbx_entity_nonpoly.name 
_pdbx_entity_nonpoly.comp_id 
2 
;[(2~{R},3~{S},4~{R},5~{R})-5-(2-azanyl-6-oxidanylidene-1~{H}-purin-9-yl)-3,4-bis(oxidanyl)oxolan-2-yl]methoxy-(3-methyl-1~{H}-pyrazol-4-yl)phosphinic acid
;
PZG 
3 water HOH 
# 
_pdbx_initial_refinement_model.id               1 
_pdbx_initial_refinement_model.entity_id_list   ? 
_pdbx_initial_refinement_model.type             'experimental model' 
_pdbx_initial_refinement_model.source_name      PDB 
_pdbx_initial_refinement_model.accession_code   1DNS 
_pdbx_initial_refinement_model.details          ? 
# 
